data_7L7D
#
_entry.id   7L7D
#
_cell.length_a   44.118
_cell.length_b   81.583
_cell.length_c   101.157
_cell.angle_alpha   90.00
_cell.angle_beta   94.60
_cell.angle_gamma   90.00
#
_symmetry.space_group_name_H-M   'P 1 21 1'
#
loop_
_entity.id
_entity.type
_entity.pdbx_description
1 polymer 'heavy chain of human monoclonal antibody Fab AZD8895'
2 polymer 'light chain of human monoclonal antibody Fab AZD8895'
3 polymer 'Spike protein S1'
4 non-polymer GLYCEROL
5 non-polymer 2-acetamido-2-deoxy-beta-D-glucopyranose
6 water water
#
loop_
_entity_poly.entity_id
_entity_poly.type
_entity_poly.pdbx_seq_one_letter_code
_entity_poly.pdbx_strand_id
1 'polypeptide(L)'
;QMQLVQSGPEVKKPGTSVKVSCKASGFTFMSSAVQWVRQARGQRLEWIGWIVIGSGNTNYAQKFQERVTITRDMSTSTAY
MELSSLRSEDTAVYYCAAPYCSSISCNDGFDIWGQGTMVTVSSASTKGPSVFPLAPS(UNK)(UNK)(UNK)(UNK)
(UNK)(UNK)GTAALGCLVKDYFPEPVTVSWNSGALTSGVHTFPAVLQSSGLYSLSSVVTVPSSSLGTQTYICNVNHKPS
NTKVDKKVEPKSC
;
H
2 'polypeptide(L)'
;EIVLTQSPGTLSLSPGERATLSCRASQSVSSSYLAWYQQKPGQAPRLLIYGASSRATGIPDRFSGSGSGTDFTLTISRLE
PEDFAVYYCQHYGSSRGWTFGQGTKVEIKRTVAAPSVFIFPPSDEQLKSGTASVVCLLNNFYPREAKVQWKVDNALQSGN
SQESVTEQDSKDSTYSLSSTLTLSKADYEKHKVYACEVTHQGLRSPVTKSFNRGEC
;
L
3 'polypeptide(L)'
;PNITNLCPFGEVFNATRFASVYAWNRKRISNCVADYSVLYNSASFSTFKCYGVSPTKLNDLCFTNVYADSFVIRGDEVRQ
IAPGQTGKIADYNYKLPDDFTGCVIAWNSNNLDSKVGGNYNYLYRLFRKSNLKPFERDISTEIYQAGSTPCNGVEGFNCY
FPLQSYGFQPTNGVGYQPYRVVVLSFELLHAPATVCGPKKGLVPRGSHHHHHHHH
;
E
#
loop_
_chem_comp.id
_chem_comp.type
_chem_comp.name
_chem_comp.formula
GOL non-polymer GLYCEROL 'C3 H8 O3'
NAG D-saccharide, beta linking 2-acetamido-2-deoxy-beta-D-glucopyranose 'C8 H15 N O6'
#
# COMPACT_ATOMS: atom_id res chain seq x y z
N GLN A 1 17.50 4.25 8.53
CA GLN A 1 16.94 2.91 8.54
C GLN A 1 15.42 2.97 8.65
N MET A 2 14.77 1.79 8.65
CA MET A 2 13.34 1.68 8.91
C MET A 2 12.51 2.46 7.89
N GLN A 3 12.36 1.93 6.69
CA GLN A 3 11.66 2.68 5.66
C GLN A 3 11.18 1.75 4.56
N LEU A 4 10.17 2.22 3.82
CA LEU A 4 9.75 1.63 2.57
C LEU A 4 9.89 2.70 1.49
N VAL A 5 10.69 2.43 0.47
CA VAL A 5 10.91 3.37 -0.62
C VAL A 5 10.21 2.83 -1.86
N GLN A 6 9.32 3.64 -2.43
CA GLN A 6 8.51 3.24 -3.57
C GLN A 6 9.09 3.80 -4.86
N SER A 7 8.70 3.17 -5.97
CA SER A 7 9.17 3.58 -7.29
C SER A 7 8.58 4.94 -7.66
N GLY A 8 9.10 5.53 -8.74
CA GLY A 8 8.74 6.87 -9.13
C GLY A 8 7.37 6.94 -9.79
N PRO A 9 6.95 8.16 -10.12
CA PRO A 9 5.61 8.36 -10.69
C PRO A 9 5.48 7.73 -12.06
N GLU A 10 4.24 7.48 -12.45
CA GLU A 10 3.92 6.76 -13.67
C GLU A 10 2.79 7.45 -14.41
N VAL A 11 2.95 7.58 -15.73
CA VAL A 11 1.90 8.02 -16.61
C VAL A 11 1.61 6.87 -17.57
N LYS A 12 0.41 6.32 -17.50
CA LYS A 12 0.05 5.13 -18.25
C LYS A 12 -1.20 5.39 -19.06
N LYS A 13 -1.26 4.79 -20.22
CA LYS A 13 -2.43 4.95 -21.06
C LYS A 13 -3.49 3.89 -20.72
N PRO A 14 -4.77 4.19 -21.00
CA PRO A 14 -5.83 3.26 -20.61
C PRO A 14 -5.61 1.87 -21.19
N GLY A 15 -6.07 0.87 -20.43
CA GLY A 15 -5.95 -0.52 -20.84
C GLY A 15 -4.62 -1.19 -20.52
N THR A 16 -3.57 -0.41 -20.29
CA THR A 16 -2.25 -0.96 -19.99
C THR A 16 -2.17 -1.32 -18.51
N SER A 17 -0.97 -1.66 -18.04
CA SER A 17 -0.77 -2.02 -16.65
C SER A 17 0.39 -1.22 -16.08
N VAL A 18 0.46 -1.18 -14.75
CA VAL A 18 1.53 -0.52 -14.03
C VAL A 18 1.96 -1.42 -12.87
N LYS A 19 3.26 -1.44 -12.59
CA LYS A 19 3.83 -2.23 -11.52
C LYS A 19 4.62 -1.31 -10.60
N VAL A 20 4.16 -1.16 -9.36
CA VAL A 20 4.77 -0.27 -8.39
C VAL A 20 5.59 -1.09 -7.42
N SER A 21 6.82 -0.65 -7.16
CA SER A 21 7.74 -1.34 -6.25
C SER A 21 7.72 -0.68 -4.88
N CYS A 22 8.16 -1.44 -3.88
CA CYS A 22 8.15 -1.00 -2.49
C CYS A 22 9.30 -1.74 -1.79
N LYS A 23 10.45 -1.07 -1.69
CA LYS A 23 11.66 -1.71 -1.18
C LYS A 23 11.84 -1.40 0.29
N ALA A 24 12.04 -2.44 1.08
CA ALA A 24 12.14 -2.29 2.53
C ALA A 24 13.61 -2.31 2.97
N SER A 25 13.90 -1.57 4.03
CA SER A 25 15.20 -1.66 4.67
C SER A 25 15.07 -1.16 6.09
N GLY A 26 16.00 -1.59 6.94
CA GLY A 26 16.03 -1.18 8.32
C GLY A 26 15.15 -1.97 9.24
N PHE A 27 14.53 -3.05 8.77
CA PHE A 27 13.75 -3.93 9.64
C PHE A 27 13.71 -5.32 9.01
N THR A 28 13.24 -6.28 9.81
CA THR A 28 13.23 -7.68 9.42
C THR A 28 12.05 -7.92 8.47
N PHE A 29 12.29 -7.62 7.20
CA PHE A 29 11.24 -7.69 6.18
C PHE A 29 10.62 -9.08 6.08
N MET A 30 11.44 -10.13 6.26
CA MET A 30 10.96 -11.49 6.07
C MET A 30 9.82 -11.85 7.02
N SER A 31 9.78 -11.22 8.19
CA SER A 31 8.74 -11.50 9.18
C SER A 31 7.50 -10.64 8.99
N SER A 32 7.54 -9.65 8.11
CA SER A 32 6.52 -8.62 8.07
C SER A 32 5.44 -8.97 7.04
N ALA A 33 4.58 -7.99 6.76
CA ALA A 33 3.55 -8.10 5.74
C ALA A 33 3.37 -6.72 5.14
N VAL A 34 2.93 -6.66 3.88
CA VAL A 34 2.80 -5.41 3.15
C VAL A 34 1.36 -5.27 2.67
N GLN A 35 0.73 -4.16 3.00
CA GLN A 35 -0.57 -3.80 2.45
C GLN A 35 -0.41 -2.64 1.48
N TRP A 36 -1.27 -2.62 0.47
CA TRP A 36 -1.27 -1.59 -0.57
C TRP A 36 -2.55 -0.80 -0.48
N VAL A 37 -2.43 0.53 -0.43
CA VAL A 37 -3.55 1.44 -0.31
C VAL A 37 -3.36 2.56 -1.33
N ARG A 38 -4.47 3.07 -1.87
CA ARG A 38 -4.41 4.16 -2.83
C ARG A 38 -5.38 5.27 -2.43
N GLN A 39 -5.18 6.45 -3.00
CA GLN A 39 -5.96 7.63 -2.62
C GLN A 39 -5.98 8.62 -3.78
N ALA A 40 -7.16 8.87 -4.34
CA ALA A 40 -7.31 9.96 -5.30
C ALA A 40 -7.17 11.30 -4.58
N ARG A 41 -6.79 12.33 -5.34
CA ARG A 41 -6.56 13.64 -4.75
C ARG A 41 -7.81 14.15 -4.04
N GLY A 42 -7.63 14.59 -2.80
CA GLY A 42 -8.73 15.07 -1.99
C GLY A 42 -9.79 14.05 -1.70
N GLN A 43 -9.45 12.76 -1.72
CA GLN A 43 -10.40 11.69 -1.47
C GLN A 43 -9.93 10.82 -0.31
N ARG A 44 -10.64 9.72 -0.09
CA ARG A 44 -10.41 8.84 1.04
C ARG A 44 -9.32 7.82 0.73
N LEU A 45 -8.93 7.07 1.75
CA LEU A 45 -8.02 5.95 1.58
C LEU A 45 -8.82 4.71 1.17
N GLU A 46 -8.32 3.98 0.17
CA GLU A 46 -9.00 2.81 -0.38
C GLU A 46 -8.05 1.62 -0.31
N TRP A 47 -8.50 0.55 0.35
CA TRP A 47 -7.67 -0.63 0.56
C TRP A 47 -7.67 -1.53 -0.66
N ILE A 48 -6.48 -1.94 -1.10
CA ILE A 48 -6.36 -2.76 -2.30
C ILE A 48 -6.16 -4.22 -1.92
N GLY A 49 -5.15 -4.49 -1.10
CA GLY A 49 -4.84 -5.86 -0.72
C GLY A 49 -3.60 -5.89 0.14
N TRP A 50 -3.20 -7.10 0.50
CA TRP A 50 -2.00 -7.28 1.30
C TRP A 50 -1.37 -8.63 1.00
N ILE A 51 -0.13 -8.79 1.46
CA ILE A 51 0.65 -10.00 1.25
C ILE A 51 1.46 -10.29 2.50
N VAL A 52 1.59 -11.57 2.84
CA VAL A 52 2.47 -12.01 3.91
C VAL A 52 3.83 -12.30 3.30
N ILE A 53 4.86 -11.61 3.79
CA ILE A 53 6.18 -11.73 3.18
C ILE A 53 6.71 -13.16 3.27
N GLY A 54 6.50 -13.80 4.42
CA GLY A 54 7.05 -15.13 4.62
C GLY A 54 6.46 -16.17 3.68
N SER A 55 5.14 -16.13 3.47
CA SER A 55 4.49 -17.14 2.65
C SER A 55 4.21 -16.68 1.22
N GLY A 56 4.06 -15.37 1.01
CA GLY A 56 3.58 -14.88 -0.26
C GLY A 56 2.08 -14.98 -0.44
N ASN A 57 1.35 -15.40 0.59
CA ASN A 57 -0.10 -15.51 0.51
C ASN A 57 -0.72 -14.12 0.40
N THR A 58 -1.63 -13.96 -0.56
CA THR A 58 -2.23 -12.66 -0.87
C THR A 58 -3.74 -12.69 -0.61
N ASN A 59 -4.28 -11.50 -0.33
CA ASN A 59 -5.72 -11.30 -0.20
C ASN A 59 -6.04 -9.93 -0.78
N TYR A 60 -6.96 -9.88 -1.72
CA TYR A 60 -7.31 -8.63 -2.39
C TYR A 60 -8.73 -8.22 -2.03
N ALA A 61 -8.95 -6.90 -2.02
CA ALA A 61 -10.32 -6.40 -2.02
C ALA A 61 -11.00 -6.83 -3.31
N GLN A 62 -12.22 -7.35 -3.18
CA GLN A 62 -12.89 -7.93 -4.35
C GLN A 62 -13.07 -6.91 -5.48
N LYS A 63 -13.01 -5.62 -5.17
CA LYS A 63 -13.06 -4.61 -6.23
C LYS A 63 -11.88 -4.76 -7.21
N PHE A 64 -10.73 -5.24 -6.73
CA PHE A 64 -9.53 -5.36 -7.54
C PHE A 64 -9.14 -6.80 -7.84
N GLN A 65 -9.97 -7.78 -7.45
CA GLN A 65 -9.58 -9.18 -7.60
C GLN A 65 -9.32 -9.55 -9.05
N GLU A 66 -9.98 -8.88 -9.99
CA GLU A 66 -9.89 -9.28 -11.40
C GLU A 66 -8.62 -8.79 -12.09
N ARG A 67 -7.93 -7.78 -11.53
CA ARG A 67 -6.85 -7.17 -12.30
C ARG A 67 -5.69 -6.66 -11.46
N VAL A 68 -5.57 -7.05 -10.19
CA VAL A 68 -4.42 -6.66 -9.36
C VAL A 68 -3.65 -7.91 -8.98
N THR A 69 -2.33 -7.75 -8.85
CA THR A 69 -1.45 -8.80 -8.36
C THR A 69 -0.45 -8.19 -7.41
N ILE A 70 -0.31 -8.77 -6.21
CA ILE A 70 0.68 -8.35 -5.24
C ILE A 70 1.68 -9.50 -5.07
N THR A 71 2.96 -9.19 -5.22
CA THR A 71 4.02 -10.17 -5.09
C THR A 71 5.11 -9.61 -4.20
N ARG A 72 6.18 -10.39 -4.01
CA ARG A 72 7.32 -9.92 -3.26
C ARG A 72 8.55 -10.70 -3.69
N ASP A 73 9.70 -10.05 -3.60
CA ASP A 73 11.00 -10.63 -3.92
C ASP A 73 11.81 -10.67 -2.62
N MET A 74 12.04 -11.87 -2.09
CA MET A 74 12.78 -12.01 -0.84
C MET A 74 14.21 -11.50 -0.98
N SER A 75 14.86 -11.81 -2.11
CA SER A 75 16.27 -11.50 -2.28
C SER A 75 16.54 -10.00 -2.22
N THR A 76 15.62 -9.20 -2.76
CA THR A 76 15.77 -7.75 -2.76
C THR A 76 14.91 -7.07 -1.70
N SER A 77 14.16 -7.84 -0.92
CA SER A 77 13.29 -7.31 0.12
C SER A 77 12.36 -6.24 -0.44
N THR A 78 11.75 -6.57 -1.57
CA THR A 78 10.89 -5.65 -2.30
C THR A 78 9.52 -6.26 -2.52
N ALA A 79 8.48 -5.47 -2.30
CA ALA A 79 7.10 -5.86 -2.55
C ALA A 79 6.58 -5.12 -3.77
N TYR A 80 5.70 -5.78 -4.52
CA TYR A 80 5.22 -5.25 -5.79
C TYR A 80 3.70 -5.27 -5.83
N MET A 81 3.13 -4.30 -6.55
CA MET A 81 1.70 -4.25 -6.81
C MET A 81 1.51 -3.96 -8.30
N GLU A 82 0.91 -4.89 -9.02
CA GLU A 82 0.67 -4.73 -10.45
C GLU A 82 -0.83 -4.66 -10.72
N LEU A 83 -1.28 -3.53 -11.24
CA LEU A 83 -2.67 -3.28 -11.57
C LEU A 83 -2.82 -3.24 -13.09
N SER A 84 -3.71 -4.09 -13.61
CA SER A 84 -3.92 -4.23 -15.05
C SER A 84 -5.20 -3.54 -15.48
N SER A 85 -5.35 -3.40 -16.80
CA SER A 85 -6.51 -2.75 -17.42
C SER A 85 -6.81 -1.40 -16.76
N LEU A 86 -5.82 -0.53 -16.79
CA LEU A 86 -5.92 0.73 -16.06
C LEU A 86 -7.01 1.61 -16.64
N ARG A 87 -7.86 2.15 -15.77
CA ARG A 87 -8.90 3.08 -16.13
C ARG A 87 -8.60 4.45 -15.54
N SER A 88 -9.38 5.45 -15.96
CA SER A 88 -9.21 6.79 -15.43
C SER A 88 -9.39 6.81 -13.91
N GLU A 89 -10.32 6.00 -13.39
CA GLU A 89 -10.58 5.95 -11.96
C GLU A 89 -9.40 5.42 -11.16
N ASP A 90 -8.38 4.86 -11.80
CA ASP A 90 -7.19 4.38 -11.12
C ASP A 90 -6.15 5.47 -10.90
N THR A 91 -6.42 6.70 -11.33
CA THR A 91 -5.49 7.80 -11.12
C THR A 91 -5.48 8.17 -9.64
N ALA A 92 -4.37 7.91 -8.97
CA ALA A 92 -4.28 8.13 -7.53
C ALA A 92 -2.82 8.03 -7.10
N VAL A 93 -2.58 8.31 -5.82
CA VAL A 93 -1.31 8.01 -5.18
C VAL A 93 -1.44 6.66 -4.51
N TYR A 94 -0.47 5.78 -4.75
CA TYR A 94 -0.48 4.42 -4.24
C TYR A 94 0.56 4.28 -3.15
N TYR A 95 0.14 3.79 -1.98
CA TYR A 95 0.99 3.62 -0.82
C TYR A 95 1.14 2.15 -0.48
N CYS A 96 2.33 1.73 -0.11
CA CYS A 96 2.51 0.46 0.60
C CYS A 96 2.77 0.74 2.07
N ALA A 97 2.55 -0.28 2.90
CA ALA A 97 2.68 -0.13 4.34
C ALA A 97 2.99 -1.48 4.95
N ALA A 98 3.66 -1.46 6.10
CA ALA A 98 4.11 -2.69 6.74
C ALA A 98 4.33 -2.43 8.22
N PRO A 99 4.20 -3.46 9.05
CA PRO A 99 4.63 -3.31 10.45
C PRO A 99 6.13 -3.52 10.58
N TYR A 100 6.74 -2.73 11.46
CA TYR A 100 8.11 -3.00 11.83
C TYR A 100 8.21 -4.36 12.51
N CYS A 101 9.21 -5.13 12.14
CA CYS A 101 9.48 -6.40 12.80
C CYS A 101 10.95 -6.47 13.19
N SER A 102 11.21 -7.19 14.28
CA SER A 102 12.54 -7.48 14.76
C SER A 102 12.83 -8.95 14.48
N SER A 103 13.89 -9.47 15.11
CA SER A 103 14.13 -10.91 15.03
C SER A 103 13.08 -11.70 15.80
N ILE A 104 12.45 -11.08 16.80
CA ILE A 104 11.58 -11.77 17.73
C ILE A 104 10.11 -11.51 17.44
N SER A 105 9.75 -10.26 17.12
CA SER A 105 8.35 -9.88 17.11
C SER A 105 8.10 -8.81 16.06
N CYS A 106 6.86 -8.76 15.58
CA CYS A 106 6.38 -7.69 14.72
C CYS A 106 5.51 -6.73 15.52
N ASN A 107 5.55 -5.46 15.13
CA ASN A 107 4.61 -4.49 15.70
C ASN A 107 3.19 -4.83 15.26
N ASP A 108 2.22 -4.37 16.08
CA ASP A 108 0.83 -4.75 15.93
C ASP A 108 0.02 -3.75 15.12
N GLY A 109 0.66 -3.06 14.18
CA GLY A 109 -0.03 -2.14 13.29
C GLY A 109 0.89 -1.76 12.16
N PHE A 110 0.30 -1.13 11.15
CA PHE A 110 1.03 -0.67 9.97
C PHE A 110 1.65 0.69 10.29
N ASP A 111 2.89 0.68 10.79
CA ASP A 111 3.55 1.90 11.21
C ASP A 111 4.65 2.36 10.26
N ILE A 112 5.05 1.54 9.29
CA ILE A 112 6.02 1.94 8.27
C ILE A 112 5.25 2.16 6.97
N TRP A 113 5.32 3.37 6.44
CA TRP A 113 4.62 3.72 5.21
C TRP A 113 5.62 4.18 4.16
N GLY A 114 5.37 3.80 2.91
CA GLY A 114 6.12 4.34 1.80
C GLY A 114 5.77 5.79 1.55
N GLN A 115 6.57 6.43 0.70
CA GLN A 115 6.35 7.82 0.36
C GLN A 115 5.21 8.01 -0.63
N GLY A 116 4.72 6.94 -1.24
CA GLY A 116 3.64 7.02 -2.20
C GLY A 116 4.16 7.07 -3.63
N THR A 117 3.31 6.62 -4.56
CA THR A 117 3.63 6.61 -5.97
C THR A 117 2.45 7.14 -6.75
N MET A 118 2.65 8.25 -7.46
CA MET A 118 1.61 8.82 -8.29
C MET A 118 1.49 8.02 -9.59
N VAL A 119 0.27 7.60 -9.90
CA VAL A 119 -0.04 6.90 -11.15
C VAL A 119 -1.14 7.66 -11.85
N THR A 120 -0.83 8.18 -13.04
CA THR A 120 -1.79 8.93 -13.84
C THR A 120 -2.18 8.08 -15.03
N VAL A 121 -3.48 7.80 -15.16
CA VAL A 121 -4.01 7.04 -16.28
C VAL A 121 -4.74 8.01 -17.19
N SER A 122 -4.25 8.15 -18.42
CA SER A 122 -4.83 9.12 -19.34
C SER A 122 -4.26 8.86 -20.73
N SER A 123 -5.04 9.23 -21.74
CA SER A 123 -4.61 9.13 -23.13
C SER A 123 -3.92 10.40 -23.62
N ALA A 124 -3.79 11.41 -22.76
CA ALA A 124 -3.19 12.67 -23.16
C ALA A 124 -1.68 12.53 -23.35
N SER A 125 -1.10 13.49 -24.06
CA SER A 125 0.34 13.59 -24.24
C SER A 125 0.87 14.78 -23.46
N THR A 126 2.19 14.77 -23.24
CA THR A 126 2.84 15.86 -22.54
C THR A 126 2.64 17.17 -23.28
N LYS A 127 2.16 18.19 -22.58
CA LYS A 127 1.89 19.48 -23.21
C LYS A 127 2.07 20.60 -22.19
N GLY A 128 2.80 21.63 -22.59
CA GLY A 128 2.96 22.81 -21.77
C GLY A 128 1.68 23.63 -21.74
N PRO A 129 1.54 24.47 -20.73
CA PRO A 129 0.32 25.25 -20.58
C PRO A 129 0.34 26.56 -21.36
N SER A 130 -0.87 27.06 -21.63
CA SER A 130 -1.04 28.45 -22.00
C SER A 130 -1.18 29.28 -20.72
N VAL A 131 -0.56 30.46 -20.72
CA VAL A 131 -0.57 31.34 -19.55
C VAL A 131 -1.29 32.61 -19.94
N PHE A 132 -2.45 32.85 -19.32
CA PHE A 132 -3.28 33.98 -19.66
C PHE A 132 -3.42 34.91 -18.46
N PRO A 133 -3.37 36.22 -18.67
CA PRO A 133 -3.46 37.16 -17.55
C PRO A 133 -4.89 37.29 -17.06
N LEU A 134 -5.04 37.35 -15.73
CA LEU A 134 -6.29 37.73 -15.08
C LEU A 134 -6.11 39.16 -14.61
N ALA A 135 -6.64 40.11 -15.38
CA ALA A 135 -6.24 41.49 -15.16
C ALA A 135 -7.11 42.14 -14.10
N PRO A 136 -6.54 43.02 -13.28
CA PRO A 136 -7.33 43.75 -12.29
C PRO A 136 -8.11 44.89 -12.91
N SER A 137 -9.21 45.25 -12.25
CA SER A 137 -10.06 46.33 -12.70
C SER A 137 -9.51 47.69 -12.27
N GLY A 144 -9.83 49.57 -2.46
CA GLY A 144 -8.62 49.51 -1.67
C GLY A 144 -7.70 48.35 -2.04
N THR A 145 -8.29 47.17 -2.24
CA THR A 145 -7.54 45.96 -2.58
C THR A 145 -7.99 45.46 -3.94
N ALA A 146 -7.04 45.33 -4.87
CA ALA A 146 -7.30 44.81 -6.20
C ALA A 146 -6.89 43.35 -6.27
N ALA A 147 -7.55 42.59 -7.15
CA ALA A 147 -7.23 41.20 -7.38
C ALA A 147 -6.72 41.00 -8.80
N LEU A 148 -5.67 40.20 -8.94
CA LEU A 148 -5.12 39.85 -10.24
C LEU A 148 -4.60 38.42 -10.17
N GLY A 149 -4.29 37.86 -11.33
CA GLY A 149 -3.82 36.49 -11.35
C GLY A 149 -3.43 36.02 -12.73
N CYS A 150 -3.15 34.73 -12.81
CA CYS A 150 -2.75 34.07 -14.05
C CYS A 150 -3.55 32.79 -14.24
N LEU A 151 -3.98 32.55 -15.47
CA LEU A 151 -4.69 31.34 -15.84
C LEU A 151 -3.72 30.42 -16.57
N VAL A 152 -3.42 29.28 -15.96
CA VAL A 152 -2.46 28.31 -16.49
C VAL A 152 -3.29 27.18 -17.09
N LYS A 153 -3.47 27.21 -18.41
CA LYS A 153 -4.49 26.41 -19.07
C LYS A 153 -3.91 25.35 -19.97
N ASP A 154 -4.53 24.17 -19.95
CA ASP A 154 -4.29 23.10 -20.92
C ASP A 154 -2.87 22.56 -20.87
N TYR A 155 -2.47 21.98 -19.74
CA TYR A 155 -1.19 21.31 -19.63
C TYR A 155 -1.39 19.88 -19.18
N PHE A 156 -0.38 19.05 -19.48
CA PHE A 156 -0.36 17.66 -19.04
C PHE A 156 1.08 17.17 -19.01
N PRO A 157 1.50 16.45 -17.96
CA PRO A 157 0.67 16.15 -16.80
C PRO A 157 0.93 17.08 -15.63
N GLU A 158 0.40 16.73 -14.46
CA GLU A 158 0.75 17.47 -13.25
C GLU A 158 2.24 17.28 -12.96
N PRO A 159 2.88 18.25 -12.28
CA PRO A 159 2.30 19.51 -11.82
C PRO A 159 2.90 20.74 -12.51
N VAL A 160 2.38 21.91 -12.12
CA VAL A 160 2.98 23.18 -12.47
C VAL A 160 3.28 23.91 -11.18
N THR A 161 4.32 24.75 -11.21
CA THR A 161 4.64 25.65 -10.11
C THR A 161 4.40 27.08 -10.56
N VAL A 162 3.81 27.88 -9.69
CA VAL A 162 3.56 29.29 -9.94
C VAL A 162 4.20 30.10 -8.82
N SER A 163 4.95 31.12 -9.20
CA SER A 163 5.46 32.12 -8.27
C SER A 163 5.12 33.49 -8.83
N TRP A 164 5.17 34.50 -7.96
CA TRP A 164 4.85 35.87 -8.34
C TRP A 164 6.07 36.75 -8.10
N ASN A 165 6.52 37.43 -9.16
CA ASN A 165 7.72 38.27 -9.13
C ASN A 165 8.93 37.46 -8.64
N SER A 166 9.10 36.28 -9.22
CA SER A 166 10.23 35.40 -8.93
C SER A 166 10.30 35.03 -7.45
N GLY A 167 9.15 35.01 -6.77
CA GLY A 167 9.08 34.68 -5.37
C GLY A 167 9.09 35.87 -4.43
N ALA A 168 9.38 37.07 -4.93
CA ALA A 168 9.42 38.24 -4.07
C ALA A 168 8.05 38.57 -3.49
N LEU A 169 6.97 38.18 -4.19
CA LEU A 169 5.61 38.41 -3.74
C LEU A 169 5.03 37.06 -3.29
N THR A 170 4.83 36.91 -1.99
CA THR A 170 4.25 35.70 -1.43
C THR A 170 2.97 35.94 -0.66
N SER A 171 2.80 37.11 -0.06
CA SER A 171 1.64 37.37 0.77
C SER A 171 0.40 37.61 -0.09
N GLY A 172 -0.70 36.99 0.30
CA GLY A 172 -1.95 37.12 -0.43
C GLY A 172 -2.03 36.30 -1.70
N VAL A 173 -1.10 35.39 -1.93
CA VAL A 173 -1.09 34.58 -3.14
C VAL A 173 -1.87 33.30 -2.89
N HIS A 174 -2.83 33.01 -3.78
CA HIS A 174 -3.59 31.77 -3.76
C HIS A 174 -3.38 31.08 -5.11
N THR A 175 -2.73 29.93 -5.09
CA THR A 175 -2.60 29.08 -6.27
C THR A 175 -3.52 27.88 -6.07
N PHE A 176 -4.56 27.78 -6.88
CA PHE A 176 -5.59 26.79 -6.66
C PHE A 176 -5.17 25.42 -7.15
N PRO A 177 -5.76 24.35 -6.59
CA PRO A 177 -5.56 23.01 -7.17
C PRO A 177 -6.03 22.96 -8.61
N ALA A 178 -5.32 22.18 -9.41
CA ALA A 178 -5.70 22.01 -10.80
C ALA A 178 -6.97 21.17 -10.93
N VAL A 179 -7.77 21.51 -11.93
CA VAL A 179 -8.95 20.73 -12.30
C VAL A 179 -8.65 20.02 -13.61
N LEU A 180 -9.08 18.76 -13.70
CA LEU A 180 -8.92 17.97 -14.92
C LEU A 180 -10.12 18.23 -15.82
N GLN A 181 -9.85 18.74 -17.02
CA GLN A 181 -10.91 19.01 -17.98
C GLN A 181 -11.22 17.75 -18.79
N SER A 182 -12.37 17.77 -19.48
CA SER A 182 -12.75 16.64 -20.30
C SER A 182 -11.82 16.45 -21.49
N SER A 183 -11.12 17.50 -21.90
CA SER A 183 -10.07 17.34 -22.92
C SER A 183 -8.92 16.48 -22.44
N GLY A 184 -8.85 16.17 -21.14
CA GLY A 184 -7.74 15.44 -20.59
C GLY A 184 -6.60 16.30 -20.08
N LEU A 185 -6.68 17.62 -20.24
CA LEU A 185 -5.64 18.53 -19.80
C LEU A 185 -6.04 19.19 -18.49
N TYR A 186 -5.04 19.68 -17.77
CA TYR A 186 -5.27 20.36 -16.51
C TYR A 186 -5.34 21.86 -16.73
N SER A 187 -5.92 22.53 -15.73
CA SER A 187 -6.08 23.98 -15.77
C SER A 187 -6.20 24.47 -14.34
N LEU A 188 -5.44 25.50 -13.99
CA LEU A 188 -5.54 26.13 -12.68
C LEU A 188 -5.31 27.62 -12.82
N SER A 189 -5.63 28.33 -11.74
CA SER A 189 -5.41 29.77 -11.66
C SER A 189 -4.67 30.08 -10.38
N SER A 190 -3.81 31.10 -10.44
CA SER A 190 -3.11 31.60 -9.27
C SER A 190 -3.45 33.08 -9.16
N VAL A 191 -3.93 33.49 -7.99
CA VAL A 191 -4.39 34.85 -7.79
C VAL A 191 -3.65 35.46 -6.62
N VAL A 192 -3.64 36.79 -6.60
CA VAL A 192 -3.06 37.55 -5.50
C VAL A 192 -3.85 38.84 -5.37
N THR A 193 -4.09 39.25 -4.13
CA THR A 193 -4.70 40.53 -3.84
C THR A 193 -3.61 41.52 -3.45
N VAL A 194 -3.67 42.72 -4.02
CA VAL A 194 -2.69 43.76 -3.75
C VAL A 194 -3.43 45.07 -3.52
N PRO A 195 -2.81 46.03 -2.85
CA PRO A 195 -3.41 47.37 -2.77
C PRO A 195 -3.59 47.95 -4.16
N SER A 196 -4.77 48.53 -4.41
CA SER A 196 -5.07 49.05 -5.74
C SER A 196 -4.23 50.29 -6.07
N SER A 197 -3.67 50.96 -5.07
CA SER A 197 -2.73 52.04 -5.33
C SER A 197 -1.43 51.52 -5.93
N SER A 198 -1.16 50.22 -5.82
CA SER A 198 0.08 49.64 -6.33
C SER A 198 0.07 49.45 -7.83
N LEU A 199 -1.12 49.40 -8.45
CA LEU A 199 -1.24 48.96 -9.84
C LEU A 199 -0.47 49.86 -10.80
N GLY A 200 -0.34 51.15 -10.48
CA GLY A 200 0.32 52.07 -11.39
C GLY A 200 1.82 52.11 -11.29
N THR A 201 2.38 51.70 -10.14
CA THR A 201 3.81 51.86 -9.88
C THR A 201 4.51 50.54 -9.53
N GLN A 202 3.84 49.40 -9.66
CA GLN A 202 4.45 48.13 -9.28
C GLN A 202 4.19 47.08 -10.35
N THR A 203 5.21 46.30 -10.66
CA THR A 203 5.13 45.26 -11.68
C THR A 203 4.65 43.96 -11.07
N TYR A 204 3.73 43.29 -11.75
CA TYR A 204 3.18 42.02 -11.30
C TYR A 204 3.39 40.98 -12.40
N ILE A 205 4.21 39.98 -12.11
CA ILE A 205 4.60 38.95 -13.07
C ILE A 205 4.38 37.60 -12.40
N CYS A 206 3.72 36.69 -13.10
CA CYS A 206 3.61 35.32 -12.64
C CYS A 206 4.59 34.44 -13.39
N ASN A 207 5.27 33.57 -12.64
CA ASN A 207 6.31 32.69 -13.19
C ASN A 207 5.80 31.26 -13.14
N VAL A 208 5.46 30.72 -14.30
CA VAL A 208 4.91 29.37 -14.44
C VAL A 208 6.01 28.46 -14.95
N ASN A 209 6.17 27.31 -14.31
CA ASN A 209 7.10 26.28 -14.79
C ASN A 209 6.39 24.95 -14.85
N HIS A 210 6.52 24.28 -15.99
CA HIS A 210 6.00 22.93 -16.19
C HIS A 210 7.18 22.05 -16.61
N LYS A 211 7.71 21.28 -15.66
CA LYS A 211 8.88 20.44 -15.92
C LYS A 211 8.67 19.46 -17.06
N PRO A 212 7.60 18.64 -17.10
CA PRO A 212 7.51 17.60 -18.13
C PRO A 212 7.66 18.12 -19.54
N SER A 213 7.21 19.33 -19.83
CA SER A 213 7.36 19.93 -21.14
C SER A 213 8.50 20.94 -21.21
N ASN A 214 9.23 21.12 -20.10
CA ASN A 214 10.31 22.10 -20.02
C ASN A 214 9.82 23.49 -20.41
N THR A 215 8.66 23.86 -19.86
CA THR A 215 8.05 25.15 -20.11
C THR A 215 8.33 26.08 -18.94
N LYS A 216 8.88 27.25 -19.23
CA LYS A 216 9.07 28.29 -18.23
C LYS A 216 8.61 29.62 -18.82
N VAL A 217 7.63 30.24 -18.18
CA VAL A 217 6.96 31.42 -18.71
C VAL A 217 6.95 32.50 -17.65
N ASP A 218 7.15 33.74 -18.06
CA ASP A 218 6.98 34.91 -17.21
C ASP A 218 5.94 35.80 -17.88
N LYS A 219 4.76 35.90 -17.29
CA LYS A 219 3.67 36.69 -17.83
C LYS A 219 3.49 37.94 -16.99
N LYS A 220 3.66 39.11 -17.59
CA LYS A 220 3.34 40.35 -16.92
C LYS A 220 1.84 40.61 -17.02
N VAL A 221 1.20 40.84 -15.87
CA VAL A 221 -0.22 41.11 -15.79
C VAL A 221 -0.39 42.60 -15.52
N GLU A 222 -0.94 43.32 -16.49
CA GLU A 222 -1.08 44.77 -16.40
C GLU A 222 -2.54 45.16 -16.22
N PRO A 223 -2.80 46.32 -15.59
CA PRO A 223 -4.19 46.77 -15.45
C PRO A 223 -4.75 47.25 -16.78
N LYS A 224 -5.98 46.85 -17.08
CA LYS A 224 -6.66 47.26 -18.30
C LYS A 224 -7.67 48.35 -17.98
N SER A 225 -7.79 49.31 -18.91
CA SER A 225 -8.73 50.41 -18.76
C SER A 225 -10.12 50.02 -19.26
N GLU B 1 -19.12 -7.92 4.85
CA GLU B 1 -18.49 -6.66 4.48
C GLU B 1 -18.64 -5.61 5.58
N ILE B 2 -17.54 -5.38 6.31
CA ILE B 2 -17.55 -4.44 7.42
C ILE B 2 -17.33 -3.03 6.88
N VAL B 3 -18.21 -2.11 7.25
CA VAL B 3 -18.14 -0.72 6.83
C VAL B 3 -17.81 0.14 8.05
N LEU B 4 -16.91 1.09 7.88
CA LEU B 4 -16.52 2.02 8.92
C LEU B 4 -17.04 3.40 8.55
N THR B 5 -17.85 3.98 9.43
CA THR B 5 -18.38 5.33 9.25
C THR B 5 -17.77 6.25 10.30
N GLN B 6 -17.08 7.28 9.84
CA GLN B 6 -16.53 8.29 10.73
C GLN B 6 -17.46 9.49 10.81
N SER B 7 -17.56 10.08 12.00
CA SER B 7 -18.33 11.28 12.22
C SER B 7 -17.63 12.10 13.28
N PRO B 8 -17.69 13.44 13.21
CA PRO B 8 -18.34 14.18 12.12
C PRO B 8 -17.48 14.20 10.87
N GLY B 9 -18.04 14.65 9.74
CA GLY B 9 -17.22 14.80 8.55
C GLY B 9 -16.15 15.84 8.74
N THR B 10 -16.50 16.96 9.37
CA THR B 10 -15.55 18.02 9.68
C THR B 10 -15.68 18.40 11.14
N LEU B 11 -14.53 18.64 11.77
CA LEU B 11 -14.45 19.11 13.15
C LEU B 11 -13.81 20.49 13.14
N SER B 12 -14.56 21.49 13.61
CA SER B 12 -14.12 22.88 13.62
C SER B 12 -13.85 23.28 15.06
N LEU B 13 -12.57 23.33 15.44
CA LEU B 13 -12.17 23.61 16.81
C LEU B 13 -11.01 24.58 16.81
N SER B 14 -10.60 24.98 18.01
CA SER B 14 -9.50 25.91 18.23
C SER B 14 -8.31 25.20 18.88
N PRO B 15 -7.11 25.72 18.71
CA PRO B 15 -5.95 25.14 19.41
C PRO B 15 -6.14 25.20 20.92
N GLY B 16 -5.86 24.08 21.58
CA GLY B 16 -6.07 23.94 23.00
C GLY B 16 -7.36 23.23 23.37
N GLU B 17 -8.31 23.13 22.44
CA GLU B 17 -9.57 22.47 22.69
C GLU B 17 -9.42 20.94 22.61
N ARG B 18 -10.43 20.25 23.12
CA ARG B 18 -10.47 18.80 23.09
C ARG B 18 -11.19 18.33 21.82
N ALA B 19 -10.58 17.39 21.11
CA ALA B 19 -11.15 16.82 19.90
C ALA B 19 -11.60 15.39 20.18
N THR B 20 -12.80 15.05 19.74
CA THR B 20 -13.36 13.72 19.90
C THR B 20 -13.86 13.22 18.55
N LEU B 21 -13.13 12.28 17.97
CA LEU B 21 -13.47 11.73 16.66
C LEU B 21 -14.08 10.35 16.84
N SER B 22 -15.03 10.03 15.97
CA SER B 22 -15.81 8.80 16.09
C SER B 22 -15.61 7.92 14.87
N CYS B 23 -15.60 6.61 15.10
CA CYS B 23 -15.55 5.62 14.03
C CYS B 23 -16.48 4.48 14.41
N ARG B 24 -17.56 4.30 13.63
CA ARG B 24 -18.56 3.28 13.89
C ARG B 24 -18.46 2.18 12.84
N ALA B 25 -18.61 0.94 13.28
CA ALA B 25 -18.54 -0.22 12.40
C ALA B 25 -19.92 -0.84 12.24
N SER B 26 -20.18 -1.39 11.04
CA SER B 26 -21.47 -1.99 10.76
C SER B 26 -21.67 -3.30 11.52
N GLN B 27 -20.59 -3.95 11.93
CA GLN B 27 -20.62 -5.12 12.80
C GLN B 27 -19.63 -4.90 13.93
N SER B 28 -19.70 -5.77 14.93
CA SER B 28 -18.69 -5.78 15.97
C SER B 28 -17.38 -6.31 15.41
N VAL B 29 -16.27 -5.63 15.71
CA VAL B 29 -14.95 -6.03 15.26
C VAL B 29 -14.01 -6.10 16.45
N SER B 30 -12.92 -6.84 16.28
CA SER B 30 -11.92 -6.97 17.33
C SER B 30 -11.21 -5.64 17.54
N SER B 31 -11.10 -5.22 18.80
CA SER B 31 -10.32 -4.03 19.12
C SER B 31 -8.87 -4.18 18.67
N SER B 32 -8.37 -5.41 18.61
CA SER B 32 -6.98 -5.65 18.26
C SER B 32 -6.66 -5.27 16.81
N TYR B 33 -7.66 -5.03 15.97
CA TYR B 33 -7.43 -4.75 14.56
C TYR B 33 -8.16 -3.49 14.12
N LEU B 34 -8.20 -2.48 14.98
CA LEU B 34 -8.70 -1.17 14.63
C LEU B 34 -7.62 -0.13 14.88
N ALA B 35 -7.33 0.67 13.87
CA ALA B 35 -6.22 1.63 13.92
C ALA B 35 -6.69 3.02 13.53
N TRP B 36 -5.94 4.02 13.97
CA TRP B 36 -6.17 5.41 13.62
C TRP B 36 -4.95 5.96 12.91
N TYR B 37 -5.18 6.73 11.84
CA TYR B 37 -4.11 7.36 11.09
C TYR B 37 -4.32 8.86 11.00
N GLN B 38 -3.21 9.59 10.92
CA GLN B 38 -3.21 11.02 10.65
C GLN B 38 -2.61 11.25 9.27
N GLN B 39 -3.15 12.23 8.55
CA GLN B 39 -2.60 12.59 7.24
C GLN B 39 -2.65 14.10 7.08
N LYS B 40 -1.48 14.73 7.12
CA LYS B 40 -1.36 16.12 6.73
C LYS B 40 -1.53 16.25 5.22
N PRO B 41 -1.92 17.44 4.73
CA PRO B 41 -2.40 17.54 3.34
C PRO B 41 -1.47 16.96 2.29
N GLY B 42 -0.16 17.13 2.41
CA GLY B 42 0.74 16.70 1.37
C GLY B 42 1.43 15.37 1.61
N GLN B 43 1.36 14.87 2.83
CA GLN B 43 2.18 13.74 3.24
C GLN B 43 1.39 12.43 3.20
N ALA B 44 2.06 11.35 3.59
CA ALA B 44 1.47 10.03 3.64
C ALA B 44 0.74 9.82 4.96
N PRO B 45 -0.10 8.80 5.06
CA PRO B 45 -0.70 8.47 6.36
C PRO B 45 0.36 8.15 7.39
N ARG B 46 0.02 8.40 8.66
CA ARG B 46 0.91 8.17 9.78
C ARG B 46 0.14 7.46 10.89
N LEU B 47 0.65 6.33 11.34
CA LEU B 47 -0.05 5.53 12.35
C LEU B 47 -0.02 6.25 13.69
N LEU B 48 -1.20 6.47 14.28
CA LEU B 48 -1.36 7.06 15.60
C LEU B 48 -1.70 6.02 16.67
N ILE B 49 -2.71 5.20 16.41
CA ILE B 49 -3.22 4.23 17.37
C ILE B 49 -3.37 2.89 16.68
N TYR B 50 -2.96 1.83 17.37
CA TYR B 50 -3.20 0.46 16.93
C TYR B 50 -3.84 -0.31 18.08
N GLY B 51 -4.58 -1.35 17.74
CA GLY B 51 -5.27 -2.10 18.77
C GLY B 51 -6.24 -1.25 19.57
N ALA B 52 -6.88 -0.29 18.92
CA ALA B 52 -7.92 0.57 19.50
C ALA B 52 -7.39 1.55 20.53
N SER B 53 -6.39 1.17 21.33
CA SER B 53 -5.99 1.99 22.47
C SER B 53 -4.48 2.18 22.62
N SER B 54 -3.65 1.65 21.73
CA SER B 54 -2.20 1.68 21.92
C SER B 54 -1.57 2.76 21.04
N ARG B 55 -0.81 3.66 21.66
CA ARG B 55 -0.08 4.69 20.94
C ARG B 55 1.11 4.10 20.20
N ALA B 56 1.26 4.47 18.93
CA ALA B 56 2.46 4.09 18.19
C ALA B 56 3.67 4.84 18.73
N THR B 57 4.86 4.31 18.41
CA THR B 57 6.10 4.87 18.92
C THR B 57 6.27 6.33 18.50
N GLY B 58 6.43 7.21 19.48
CA GLY B 58 6.69 8.61 19.22
C GLY B 58 5.46 9.50 19.14
N ILE B 59 4.27 8.95 19.27
CA ILE B 59 3.04 9.74 19.17
C ILE B 59 2.83 10.48 20.49
N PRO B 60 2.46 11.76 20.44
CA PRO B 60 2.32 12.53 21.69
C PRO B 60 1.22 12.01 22.60
N ASP B 61 1.41 12.21 23.90
CA ASP B 61 0.50 11.77 24.94
C ASP B 61 -0.92 12.30 24.74
N ARG B 62 -1.12 13.40 24.01
CA ARG B 62 -2.45 13.97 23.87
C ARG B 62 -3.37 13.13 22.98
N PHE B 63 -2.80 12.20 22.21
CA PHE B 63 -3.61 11.29 21.39
C PHE B 63 -3.98 10.07 22.21
N SER B 64 -5.27 9.72 22.19
CA SER B 64 -5.79 8.64 23.01
C SER B 64 -6.86 7.88 22.23
N GLY B 65 -6.82 6.56 22.31
CA GLY B 65 -7.79 5.70 21.63
C GLY B 65 -8.60 4.91 22.63
N SER B 66 -9.89 4.79 22.37
CA SER B 66 -10.79 4.02 23.23
C SER B 66 -11.92 3.44 22.38
N GLY B 67 -12.79 2.68 23.03
CA GLY B 67 -13.94 2.07 22.41
C GLY B 67 -13.78 0.57 22.27
N SER B 68 -14.88 -0.06 21.87
CA SER B 68 -14.94 -1.50 21.65
C SER B 68 -16.22 -1.81 20.86
N GLY B 69 -16.29 -3.06 20.37
CA GLY B 69 -17.46 -3.52 19.67
C GLY B 69 -17.67 -2.83 18.33
N THR B 70 -18.54 -1.82 18.31
CA THR B 70 -18.80 -1.06 17.09
C THR B 70 -18.44 0.41 17.20
N ASP B 71 -18.20 0.93 18.40
CA ASP B 71 -17.98 2.36 18.62
C ASP B 71 -16.54 2.58 19.06
N PHE B 72 -15.77 3.31 18.25
CA PHE B 72 -14.38 3.60 18.54
C PHE B 72 -14.16 5.11 18.49
N THR B 73 -13.26 5.59 19.35
CA THR B 73 -13.06 7.02 19.55
C THR B 73 -11.58 7.35 19.53
N LEU B 74 -11.24 8.44 18.84
CA LEU B 74 -9.92 9.06 18.93
C LEU B 74 -10.08 10.39 19.63
N THR B 75 -9.38 10.57 20.74
CA THR B 75 -9.42 11.82 21.49
C THR B 75 -8.08 12.52 21.39
N ILE B 76 -8.11 13.82 21.12
CA ILE B 76 -6.95 14.69 21.23
C ILE B 76 -7.24 15.66 22.37
N SER B 77 -6.52 15.51 23.48
CA SER B 77 -6.90 16.18 24.71
C SER B 77 -6.85 17.70 24.57
N ARG B 78 -5.78 18.24 23.98
CA ARG B 78 -5.72 19.66 23.67
C ARG B 78 -4.99 19.83 22.35
N LEU B 79 -5.69 20.40 21.36
CA LEU B 79 -5.19 20.44 20.00
C LEU B 79 -4.02 21.40 19.88
N GLU B 80 -2.95 20.94 19.24
CA GLU B 80 -1.83 21.74 18.83
C GLU B 80 -1.99 22.13 17.36
N PRO B 81 -1.33 23.20 16.91
CA PRO B 81 -1.49 23.62 15.50
C PRO B 81 -1.19 22.52 14.50
N GLU B 82 -0.23 21.64 14.80
CA GLU B 82 0.12 20.56 13.88
C GLU B 82 -0.91 19.44 13.86
N ASP B 83 -1.83 19.42 14.82
CA ASP B 83 -2.83 18.35 14.89
C ASP B 83 -4.00 18.56 13.94
N PHE B 84 -4.11 19.73 13.34
CA PHE B 84 -5.23 20.01 12.43
C PHE B 84 -4.94 19.34 11.09
N ALA B 85 -5.59 18.21 10.86
CA ALA B 85 -5.35 17.39 9.68
C ALA B 85 -6.58 16.49 9.49
N VAL B 86 -6.41 15.43 8.70
CA VAL B 86 -7.48 14.47 8.42
C VAL B 86 -7.13 13.15 9.08
N TYR B 87 -8.11 12.51 9.70
CA TYR B 87 -7.89 11.28 10.45
C TYR B 87 -8.76 10.17 9.89
N TYR B 88 -8.16 8.99 9.69
CA TYR B 88 -8.83 7.81 9.17
C TYR B 88 -8.76 6.70 10.19
N CYS B 89 -9.83 5.93 10.32
CA CYS B 89 -9.77 4.67 11.03
C CYS B 89 -9.71 3.52 10.02
N GLN B 90 -9.12 2.41 10.43
CA GLN B 90 -8.99 1.25 9.54
C GLN B 90 -9.26 0.00 10.34
N HIS B 91 -10.04 -0.89 9.74
CA HIS B 91 -10.26 -2.23 10.27
C HIS B 91 -9.42 -3.20 9.46
N TYR B 92 -8.58 -3.98 10.14
CA TYR B 92 -7.74 -4.97 9.49
C TYR B 92 -7.87 -6.32 10.19
N GLY B 93 -9.09 -6.70 10.53
CA GLY B 93 -9.36 -7.99 11.14
C GLY B 93 -9.55 -9.09 10.12
N SER B 94 -9.22 -10.31 10.53
CA SER B 94 -9.18 -11.49 9.66
C SER B 94 -8.21 -11.25 8.50
N SER B 95 -8.36 -12.04 7.42
CA SER B 95 -7.43 -11.99 6.30
C SER B 95 -7.97 -11.24 5.08
N ARG B 96 -9.27 -10.99 5.00
CA ARG B 96 -9.86 -10.32 3.84
C ARG B 96 -10.76 -9.18 4.30
N GLY B 97 -11.12 -8.33 3.34
CA GLY B 97 -12.17 -7.34 3.56
C GLY B 97 -11.80 -6.18 4.46
N TRP B 98 -10.52 -5.83 4.54
CA TRP B 98 -10.11 -4.67 5.32
C TRP B 98 -10.63 -3.40 4.65
N THR B 99 -11.04 -2.43 5.48
CA THR B 99 -11.61 -1.19 4.97
C THR B 99 -11.13 -0.02 5.80
N PHE B 100 -11.26 1.17 5.22
CA PHE B 100 -11.02 2.43 5.89
C PHE B 100 -12.35 3.15 6.10
N GLY B 101 -12.36 4.07 7.08
CA GLY B 101 -13.42 5.05 7.14
C GLY B 101 -13.20 6.14 6.12
N GLN B 102 -14.23 6.98 5.95
CA GLN B 102 -14.13 8.04 4.94
C GLN B 102 -13.27 9.22 5.38
N GLY B 103 -12.86 9.28 6.63
CA GLY B 103 -11.99 10.34 7.08
C GLY B 103 -12.74 11.46 7.76
N THR B 104 -12.10 12.06 8.77
CA THR B 104 -12.62 13.24 9.46
C THR B 104 -11.58 14.34 9.37
N LYS B 105 -12.00 15.51 8.90
CA LYS B 105 -11.14 16.68 8.84
C LYS B 105 -11.26 17.49 10.12
N VAL B 106 -10.13 17.82 10.72
CA VAL B 106 -10.07 18.68 11.90
C VAL B 106 -9.54 20.03 11.43
N GLU B 107 -10.44 21.01 11.31
CA GLU B 107 -10.12 22.34 10.82
C GLU B 107 -10.15 23.36 11.96
N ILE B 108 -9.53 24.50 11.71
CA ILE B 108 -9.45 25.58 12.69
C ILE B 108 -10.76 26.36 12.68
N LYS B 109 -11.40 26.45 13.85
CA LYS B 109 -12.62 27.23 13.98
C LYS B 109 -12.31 28.72 13.86
N ARG B 110 -13.23 29.45 13.24
CA ARG B 110 -13.01 30.86 12.94
C ARG B 110 -14.35 31.59 12.90
N THR B 111 -14.29 32.90 13.06
CA THR B 111 -15.45 33.76 12.82
C THR B 111 -15.92 33.61 11.37
N VAL B 112 -17.23 33.77 11.18
CA VAL B 112 -17.79 33.79 9.83
C VAL B 112 -17.20 34.96 9.06
N ALA B 113 -16.75 34.70 7.84
CA ALA B 113 -16.12 35.72 6.99
C ALA B 113 -16.72 35.63 5.60
N ALA B 114 -17.36 36.72 5.16
CA ALA B 114 -17.91 36.76 3.82
C ALA B 114 -16.78 36.78 2.79
N PRO B 115 -16.99 36.14 1.63
CA PRO B 115 -15.96 36.16 0.59
C PRO B 115 -15.92 37.48 -0.16
N SER B 116 -14.70 37.90 -0.51
CA SER B 116 -14.53 38.95 -1.49
C SER B 116 -14.65 38.35 -2.89
N VAL B 117 -15.56 38.89 -3.69
CA VAL B 117 -15.91 38.33 -4.99
C VAL B 117 -15.34 39.22 -6.08
N PHE B 118 -14.50 38.65 -6.93
CA PHE B 118 -13.97 39.29 -8.12
C PHE B 118 -14.33 38.44 -9.34
N ILE B 119 -14.51 39.09 -10.48
CA ILE B 119 -14.80 38.41 -11.73
C ILE B 119 -13.82 38.89 -12.79
N PHE B 120 -13.33 37.97 -13.61
CA PHE B 120 -12.32 38.26 -14.61
C PHE B 120 -12.84 37.88 -15.99
N PRO B 121 -12.96 38.81 -16.92
CA PRO B 121 -13.31 38.46 -18.30
C PRO B 121 -12.16 37.71 -18.95
N PRO B 122 -12.44 36.97 -20.03
CA PRO B 122 -11.35 36.29 -20.73
C PRO B 122 -10.39 37.28 -21.35
N SER B 123 -9.10 36.95 -21.29
CA SER B 123 -8.08 37.83 -21.82
C SER B 123 -8.18 37.90 -23.35
N ASP B 124 -7.59 38.96 -23.92
CA ASP B 124 -7.48 39.05 -25.36
C ASP B 124 -6.60 37.95 -25.93
N GLU B 125 -5.56 37.56 -25.20
CA GLU B 125 -4.66 36.50 -25.66
C GLU B 125 -5.42 35.20 -25.86
N GLN B 126 -6.26 34.83 -24.89
CA GLN B 126 -7.01 33.58 -25.02
C GLN B 126 -8.08 33.68 -26.09
N LEU B 127 -8.77 34.83 -26.16
CA LEU B 127 -9.82 35.01 -27.16
C LEU B 127 -9.28 34.91 -28.58
N LYS B 128 -8.01 35.23 -28.78
CA LYS B 128 -7.42 35.15 -30.12
C LYS B 128 -7.39 33.73 -30.64
N SER B 129 -7.27 32.74 -29.75
CA SER B 129 -7.12 31.35 -30.15
C SER B 129 -8.42 30.56 -30.13
N GLY B 130 -9.55 31.20 -29.86
CA GLY B 130 -10.85 30.58 -30.02
C GLY B 130 -11.53 30.07 -28.78
N THR B 131 -11.04 30.43 -27.59
CA THR B 131 -11.62 29.96 -26.34
C THR B 131 -11.77 31.14 -25.38
N ALA B 132 -12.83 31.10 -24.56
CA ALA B 132 -13.11 32.15 -23.58
C ALA B 132 -13.29 31.52 -22.21
N SER B 133 -12.42 31.88 -21.28
CA SER B 133 -12.47 31.41 -19.91
C SER B 133 -12.77 32.59 -18.99
N VAL B 134 -13.97 32.61 -18.41
CA VAL B 134 -14.37 33.61 -17.44
C VAL B 134 -14.10 33.06 -16.05
N VAL B 135 -13.36 33.81 -15.23
CA VAL B 135 -12.95 33.36 -13.91
C VAL B 135 -13.63 34.24 -12.87
N CYS B 136 -14.22 33.60 -11.87
CA CYS B 136 -14.82 34.29 -10.72
C CYS B 136 -14.13 33.81 -9.45
N LEU B 137 -13.61 34.75 -8.67
CA LEU B 137 -12.83 34.44 -7.49
C LEU B 137 -13.61 34.77 -6.23
N LEU B 138 -13.63 33.83 -5.28
CA LEU B 138 -14.15 34.03 -3.94
C LEU B 138 -12.96 33.94 -2.99
N ASN B 139 -12.64 35.06 -2.34
CA ASN B 139 -11.40 35.17 -1.58
C ASN B 139 -11.66 35.26 -0.09
N ASN B 140 -10.95 34.44 0.68
CA ASN B 140 -10.85 34.52 2.14
C ASN B 140 -12.22 34.51 2.81
N PHE B 141 -12.85 33.34 2.78
CA PHE B 141 -14.14 33.16 3.43
C PHE B 141 -14.11 31.95 4.35
N TYR B 142 -15.01 31.97 5.34
CA TYR B 142 -15.20 30.89 6.30
C TYR B 142 -16.64 30.96 6.78
N PRO B 143 -17.34 29.81 6.90
CA PRO B 143 -16.86 28.44 6.65
C PRO B 143 -16.70 28.13 5.17
N ARG B 144 -16.34 26.87 4.87
CA ARG B 144 -15.93 26.52 3.52
C ARG B 144 -17.09 26.42 2.56
N GLU B 145 -18.29 26.08 3.05
CA GLU B 145 -19.43 25.90 2.17
C GLU B 145 -19.77 27.20 1.45
N ALA B 146 -19.85 27.13 0.12
CA ALA B 146 -20.19 28.29 -0.69
C ALA B 146 -20.95 27.83 -1.92
N LYS B 147 -21.64 28.76 -2.55
CA LYS B 147 -22.41 28.48 -3.75
C LYS B 147 -22.08 29.54 -4.80
N VAL B 148 -21.57 29.09 -5.94
CA VAL B 148 -21.26 29.95 -7.07
C VAL B 148 -22.19 29.56 -8.21
N GLN B 149 -22.90 30.54 -8.74
CA GLN B 149 -23.86 30.32 -9.82
C GLN B 149 -23.55 31.28 -10.96
N TRP B 150 -23.33 30.72 -12.15
CA TRP B 150 -23.04 31.52 -13.34
C TRP B 150 -24.35 31.95 -13.99
N LYS B 151 -24.43 33.22 -14.36
CA LYS B 151 -25.58 33.75 -15.07
C LYS B 151 -25.09 34.39 -16.37
N VAL B 152 -25.64 33.93 -17.48
CA VAL B 152 -25.24 34.40 -18.81
C VAL B 152 -26.48 34.97 -19.49
N ASP B 153 -26.44 36.26 -19.80
CA ASP B 153 -27.59 37.00 -20.32
C ASP B 153 -28.80 36.81 -19.40
N ASN B 154 -28.56 36.95 -18.09
CA ASN B 154 -29.58 36.84 -17.05
C ASN B 154 -30.25 35.47 -17.01
N ALA B 155 -29.57 34.44 -17.52
CA ALA B 155 -30.04 33.06 -17.45
C ALA B 155 -29.02 32.23 -16.69
N LEU B 156 -29.51 31.34 -15.83
CA LEU B 156 -28.63 30.48 -15.05
C LEU B 156 -27.93 29.50 -15.97
N GLN B 157 -26.59 29.49 -15.94
CA GLN B 157 -25.78 28.70 -16.86
C GLN B 157 -25.26 27.46 -16.15
N SER B 158 -25.70 26.29 -16.60
CA SER B 158 -25.29 25.02 -16.05
C SER B 158 -24.40 24.29 -17.06
N GLY B 159 -23.35 23.65 -16.56
CA GLY B 159 -22.33 23.09 -17.41
C GLY B 159 -21.28 24.10 -17.79
N ASN B 160 -20.17 23.58 -18.33
CA ASN B 160 -19.03 24.37 -18.79
C ASN B 160 -18.35 25.15 -17.66
N SER B 161 -18.52 24.73 -16.41
CA SER B 161 -17.88 25.43 -15.29
C SER B 161 -17.33 24.43 -14.28
N GLN B 162 -16.20 24.77 -13.68
CA GLN B 162 -15.52 23.90 -12.71
C GLN B 162 -15.02 24.73 -11.53
N GLU B 163 -15.06 24.13 -10.35
CA GLU B 163 -14.69 24.79 -9.11
C GLU B 163 -13.43 24.15 -8.52
N SER B 164 -12.71 24.95 -7.74
CA SER B 164 -11.54 24.48 -7.01
C SER B 164 -11.36 25.38 -5.79
N VAL B 165 -11.02 24.76 -4.66
CA VAL B 165 -10.93 25.42 -3.38
C VAL B 165 -9.54 25.22 -2.80
N THR B 166 -8.97 26.29 -2.23
CA THR B 166 -7.69 26.16 -1.55
C THR B 166 -7.89 25.44 -0.21
N GLU B 167 -6.76 25.06 0.39
CA GLU B 167 -6.79 24.55 1.75
C GLU B 167 -6.81 25.71 2.73
N GLN B 168 -7.24 25.40 3.96
CA GLN B 168 -7.37 26.43 4.99
C GLN B 168 -6.03 27.14 5.19
N ASP B 169 -6.08 28.47 5.20
CA ASP B 169 -4.86 29.25 5.29
C ASP B 169 -4.24 29.12 6.67
N SER B 170 -2.91 29.07 6.70
CA SER B 170 -2.20 28.90 7.97
C SER B 170 -2.41 30.09 8.89
N LYS B 171 -2.46 31.30 8.34
CA LYS B 171 -2.49 32.52 9.14
C LYS B 171 -3.91 32.93 9.55
N ASP B 172 -4.81 33.11 8.58
CA ASP B 172 -6.14 33.63 8.87
C ASP B 172 -7.23 32.56 8.87
N SER B 173 -6.89 31.31 8.53
CA SER B 173 -7.81 30.17 8.64
C SER B 173 -9.02 30.30 7.70
N THR B 174 -8.84 30.95 6.55
CA THR B 174 -9.92 31.10 5.59
C THR B 174 -9.70 30.21 4.38
N TYR B 175 -10.72 30.15 3.53
CA TYR B 175 -10.66 29.43 2.27
C TYR B 175 -10.90 30.41 1.12
N SER B 176 -10.47 30.00 -0.06
CA SER B 176 -10.74 30.74 -1.29
C SER B 176 -11.10 29.75 -2.38
N LEU B 177 -11.99 30.18 -3.27
CA LEU B 177 -12.55 29.33 -4.30
C LEU B 177 -12.45 30.05 -5.65
N SER B 178 -12.24 29.28 -6.71
CA SER B 178 -12.20 29.82 -8.06
C SER B 178 -13.14 29.02 -8.94
N SER B 179 -14.05 29.71 -9.62
CA SER B 179 -14.95 29.10 -10.57
C SER B 179 -14.62 29.61 -11.96
N THR B 180 -14.53 28.69 -12.92
CA THR B 180 -14.11 29.02 -14.28
C THR B 180 -15.18 28.53 -15.25
N LEU B 181 -15.80 29.48 -15.95
CA LEU B 181 -16.71 29.17 -17.04
C LEU B 181 -15.93 29.22 -18.35
N THR B 182 -15.89 28.10 -19.07
CA THR B 182 -15.09 27.98 -20.28
C THR B 182 -16.01 27.68 -21.46
N LEU B 183 -16.06 28.59 -22.42
CA LEU B 183 -16.85 28.43 -23.63
C LEU B 183 -15.96 28.61 -24.86
N SER B 184 -16.47 28.20 -26.00
CA SER B 184 -15.82 28.54 -27.25
C SER B 184 -16.00 30.02 -27.53
N LYS B 185 -15.10 30.58 -28.35
CA LYS B 185 -15.21 31.99 -28.68
C LYS B 185 -16.53 32.29 -29.38
N ALA B 186 -16.99 31.38 -30.23
CA ALA B 186 -18.26 31.59 -30.92
C ALA B 186 -19.42 31.68 -29.93
N ASP B 187 -19.47 30.76 -28.97
CA ASP B 187 -20.53 30.80 -27.98
C ASP B 187 -20.39 32.01 -27.06
N TYR B 188 -19.16 32.39 -26.72
CA TYR B 188 -18.95 33.53 -25.85
C TYR B 188 -19.50 34.81 -26.47
N GLU B 189 -19.35 34.96 -27.79
CA GLU B 189 -19.80 36.15 -28.48
C GLU B 189 -21.30 36.16 -28.77
N LYS B 190 -22.01 35.07 -28.46
CA LYS B 190 -23.46 35.04 -28.61
C LYS B 190 -24.20 35.64 -27.43
N HIS B 191 -23.48 36.12 -26.42
CA HIS B 191 -24.09 36.68 -25.22
C HIS B 191 -23.32 37.91 -24.79
N LYS B 192 -23.99 38.77 -24.02
CA LYS B 192 -23.41 40.04 -23.59
C LYS B 192 -23.11 40.07 -22.09
N VAL B 193 -24.08 39.71 -21.25
CA VAL B 193 -23.93 39.82 -19.80
C VAL B 193 -23.37 38.51 -19.26
N TYR B 194 -22.25 38.61 -18.54
CA TYR B 194 -21.62 37.47 -17.86
C TYR B 194 -21.48 37.81 -16.39
N ALA B 195 -22.13 37.03 -15.54
CA ALA B 195 -22.28 37.37 -14.14
C ALA B 195 -21.91 36.17 -13.26
N CYS B 196 -21.46 36.48 -12.05
CA CYS B 196 -21.09 35.49 -11.05
C CYS B 196 -21.88 35.77 -9.79
N GLU B 197 -22.70 34.81 -9.36
CA GLU B 197 -23.60 34.99 -8.23
C GLU B 197 -23.16 34.09 -7.09
N VAL B 198 -22.85 34.68 -5.94
CA VAL B 198 -22.22 34.00 -4.81
C VAL B 198 -23.18 33.98 -3.63
N THR B 199 -23.36 32.79 -3.05
CA THR B 199 -24.17 32.61 -1.85
C THR B 199 -23.27 32.09 -0.73
N HIS B 200 -23.30 32.76 0.42
CA HIS B 200 -22.46 32.38 1.54
C HIS B 200 -23.11 32.87 2.83
N GLN B 201 -22.84 32.15 3.92
CA GLN B 201 -23.45 32.48 5.21
C GLN B 201 -23.06 33.87 5.68
N GLY B 202 -21.87 34.34 5.31
CA GLY B 202 -21.45 35.68 5.68
C GLY B 202 -22.13 36.79 4.92
N LEU B 203 -22.84 36.48 3.85
CA LEU B 203 -23.57 37.46 3.06
C LEU B 203 -25.05 37.27 3.28
N ARG B 204 -25.75 38.33 3.72
CA ARG B 204 -27.18 38.23 3.88
C ARG B 204 -27.89 38.06 2.54
N SER B 205 -27.37 38.72 1.51
CA SER B 205 -27.93 38.63 0.17
C SER B 205 -26.89 38.11 -0.80
N PRO B 206 -27.30 37.37 -1.83
CA PRO B 206 -26.32 36.89 -2.82
C PRO B 206 -25.65 38.05 -3.53
N VAL B 207 -24.32 38.03 -3.53
CA VAL B 207 -23.52 39.08 -4.16
C VAL B 207 -23.26 38.68 -5.61
N THR B 208 -23.54 39.60 -6.53
CA THR B 208 -23.35 39.38 -7.95
C THR B 208 -22.26 40.31 -8.47
N LYS B 209 -21.30 39.74 -9.18
CA LYS B 209 -20.31 40.49 -9.93
C LYS B 209 -20.48 40.15 -11.40
N SER B 210 -20.57 41.17 -12.25
CA SER B 210 -20.86 40.95 -13.65
C SER B 210 -20.08 41.92 -14.51
N PHE B 211 -20.14 41.69 -15.81
CA PHE B 211 -19.59 42.59 -16.81
C PHE B 211 -20.32 42.33 -18.11
N ASN B 212 -20.26 43.31 -19.01
CA ASN B 212 -20.75 43.15 -20.36
C ASN B 212 -19.57 42.91 -21.29
N ARG B 213 -19.73 41.94 -22.20
CA ARG B 213 -18.62 41.51 -23.05
C ARG B 213 -18.09 42.66 -23.89
N GLY B 214 -16.79 42.88 -23.81
CA GLY B 214 -16.14 43.97 -24.52
C GLY B 214 -16.60 45.36 -24.15
N GLU B 215 -17.32 45.51 -23.04
CA GLU B 215 -17.88 46.80 -22.65
C GLU B 215 -17.47 47.16 -21.24
N ASN C 5 16.88 -63.61 8.56
CA ASN C 5 15.77 -62.67 8.55
C ASN C 5 16.16 -61.35 7.90
N LEU C 6 15.49 -60.99 6.80
CA LEU C 6 15.85 -59.83 6.01
C LEU C 6 15.16 -58.59 6.56
N CYS C 7 15.93 -57.50 6.66
CA CYS C 7 15.37 -56.24 7.15
C CYS C 7 14.32 -55.72 6.18
N PRO C 8 13.17 -55.24 6.68
CA PRO C 8 12.07 -54.83 5.77
C PRO C 8 12.21 -53.40 5.26
N PHE C 9 13.21 -53.19 4.41
CA PHE C 9 13.37 -51.87 3.79
C PHE C 9 12.36 -51.63 2.70
N GLY C 10 11.77 -52.68 2.11
CA GLY C 10 10.76 -52.49 1.09
C GLY C 10 9.54 -51.77 1.61
N GLU C 11 9.18 -52.03 2.86
CA GLU C 11 8.08 -51.30 3.49
C GLU C 11 8.34 -49.80 3.49
N VAL C 12 9.58 -49.41 3.78
CA VAL C 12 9.93 -48.00 3.81
C VAL C 12 10.07 -47.44 2.40
N PHE C 13 10.90 -48.09 1.57
CA PHE C 13 11.26 -47.50 0.29
C PHE C 13 10.09 -47.52 -0.69
N ASN C 14 9.40 -48.67 -0.79
CA ASN C 14 8.32 -48.83 -1.75
C ASN C 14 6.94 -48.63 -1.13
N ALA C 15 6.85 -47.90 -0.02
CA ALA C 15 5.54 -47.56 0.53
C ALA C 15 4.75 -46.77 -0.50
N THR C 16 3.46 -47.07 -0.60
CA THR C 16 2.62 -46.41 -1.60
C THR C 16 2.49 -44.92 -1.33
N ARG C 17 2.24 -44.54 -0.08
CA ARG C 17 2.14 -43.14 0.29
C ARG C 17 3.24 -42.78 1.28
N PHE C 18 3.73 -41.54 1.15
CA PHE C 18 4.79 -41.02 1.99
C PHE C 18 4.27 -39.91 2.88
N ALA C 19 4.95 -39.70 4.00
CA ALA C 19 4.57 -38.67 4.96
C ALA C 19 5.03 -37.30 4.50
N SER C 20 4.29 -36.27 4.93
CA SER C 20 4.77 -34.91 4.77
C SER C 20 6.04 -34.71 5.57
N VAL C 21 6.89 -33.79 5.12
CA VAL C 21 8.19 -33.63 5.75
C VAL C 21 8.05 -33.12 7.19
N TYR C 22 7.02 -32.32 7.46
CA TYR C 22 6.81 -31.86 8.83
C TYR C 22 6.39 -32.99 9.74
N ALA C 23 5.69 -33.99 9.21
CA ALA C 23 5.28 -35.15 9.99
C ALA C 23 6.07 -36.38 9.55
N TRP C 24 7.39 -36.23 9.47
CA TRP C 24 8.23 -37.29 8.91
C TRP C 24 8.15 -38.57 9.73
N ASN C 25 7.93 -39.69 9.04
CA ASN C 25 7.84 -40.97 9.70
C ASN C 25 9.21 -41.47 10.13
N ARG C 26 9.20 -42.37 11.10
CA ARG C 26 10.43 -43.01 11.58
C ARG C 26 10.11 -44.45 11.90
N LYS C 27 10.75 -45.38 11.18
CA LYS C 27 10.58 -46.81 11.41
C LYS C 27 11.85 -47.38 12.04
N ARG C 28 11.67 -48.23 13.04
CA ARG C 28 12.79 -48.82 13.75
C ARG C 28 13.18 -50.14 13.09
N ILE C 29 14.49 -50.40 13.03
CA ILE C 29 15.03 -51.64 12.50
C ILE C 29 15.73 -52.34 13.65
N SER C 30 15.15 -53.46 14.10
CA SER C 30 15.55 -54.07 15.38
C SER C 30 16.60 -55.15 15.18
N ASN C 31 16.22 -56.27 14.56
CA ASN C 31 17.10 -57.43 14.47
C ASN C 31 16.85 -58.14 13.15
N CYS C 32 17.78 -57.97 12.21
CA CYS C 32 17.71 -58.54 10.86
C CYS C 32 19.01 -58.20 10.14
N VAL C 33 19.03 -58.48 8.84
CA VAL C 33 20.19 -58.22 8.00
C VAL C 33 19.74 -57.67 6.65
N ALA C 34 20.67 -57.02 5.96
CA ALA C 34 20.39 -56.48 4.63
C ALA C 34 21.70 -56.14 3.94
N ASP C 35 21.67 -56.17 2.60
CA ASP C 35 22.83 -55.86 1.77
C ASP C 35 22.74 -54.40 1.34
N TYR C 36 23.44 -53.53 2.07
CA TYR C 36 23.43 -52.10 1.75
C TYR C 36 24.09 -51.82 0.41
N SER C 37 25.03 -52.66 -0.01
CA SER C 37 25.69 -52.45 -1.29
C SER C 37 24.73 -52.57 -2.46
N VAL C 38 23.73 -53.46 -2.35
CA VAL C 38 22.70 -53.54 -3.37
C VAL C 38 21.90 -52.25 -3.43
N LEU C 39 21.57 -51.70 -2.26
CA LEU C 39 20.85 -50.42 -2.22
C LEU C 39 21.73 -49.28 -2.72
N TYR C 40 23.01 -49.31 -2.38
CA TYR C 40 23.93 -48.26 -2.81
C TYR C 40 24.05 -48.22 -4.33
N ASN C 41 24.50 -49.32 -4.93
CA ASN C 41 24.69 -49.44 -6.38
C ASN C 41 23.38 -49.50 -7.17
N SER C 42 22.22 -49.24 -6.55
CA SER C 42 20.96 -49.25 -7.27
C SER C 42 20.79 -47.94 -8.03
N ALA C 43 20.30 -48.05 -9.27
CA ALA C 43 20.06 -46.88 -10.12
C ALA C 43 18.73 -46.22 -9.82
N SER C 44 17.95 -46.73 -8.86
CA SER C 44 16.65 -46.12 -8.57
C SER C 44 16.81 -44.77 -7.87
N PHE C 45 17.91 -44.56 -7.16
CA PHE C 45 18.13 -43.37 -6.35
C PHE C 45 19.01 -42.37 -7.10
N SER C 46 18.61 -41.11 -7.10
CA SER C 46 19.44 -40.04 -7.64
C SER C 46 20.44 -39.49 -6.64
N THR C 47 20.20 -39.68 -5.34
CA THR C 47 21.11 -39.23 -4.30
C THR C 47 21.30 -40.35 -3.28
N PHE C 48 22.55 -40.62 -2.93
CA PHE C 48 22.86 -41.63 -1.93
C PHE C 48 24.17 -41.27 -1.24
N LYS C 49 24.14 -40.21 -0.43
CA LYS C 49 25.34 -39.74 0.28
C LYS C 49 25.30 -40.23 1.71
N CYS C 50 26.43 -40.75 2.17
CA CYS C 50 26.58 -41.23 3.54
C CYS C 50 27.50 -40.31 4.32
N TYR C 51 27.33 -40.33 5.65
CA TYR C 51 28.11 -39.49 6.54
C TYR C 51 28.58 -40.33 7.73
N GLY C 52 29.81 -40.07 8.18
CA GLY C 52 30.39 -40.81 9.28
C GLY C 52 30.74 -42.25 9.00
N VAL C 53 30.26 -42.82 7.89
CA VAL C 53 30.56 -44.19 7.51
C VAL C 53 30.71 -44.26 6.00
N SER C 54 31.47 -45.25 5.54
CA SER C 54 31.55 -45.50 4.11
C SER C 54 30.34 -46.33 3.67
N PRO C 55 29.72 -45.96 2.54
CA PRO C 55 28.57 -46.74 2.06
C PRO C 55 28.93 -48.18 1.75
N THR C 56 30.16 -48.42 1.31
CA THR C 56 30.58 -49.78 0.96
C THR C 56 30.95 -50.60 2.19
N LYS C 57 31.43 -49.94 3.26
CA LYS C 57 31.83 -50.65 4.47
C LYS C 57 30.63 -51.12 5.30
N LEU C 58 29.43 -50.65 4.98
CA LEU C 58 28.26 -50.96 5.81
C LEU C 58 27.97 -52.46 5.87
N ASN C 59 28.37 -53.21 4.84
CA ASN C 59 28.09 -54.64 4.81
C ASN C 59 28.88 -55.42 5.86
N ASP C 60 30.03 -54.90 6.29
CA ASP C 60 30.86 -55.57 7.28
C ASP C 60 30.61 -55.10 8.71
N LEU C 61 29.68 -54.17 8.92
CA LEU C 61 29.48 -53.57 10.23
C LEU C 61 28.08 -53.84 10.77
N CYS C 62 27.94 -53.65 12.08
CA CYS C 62 26.76 -54.02 12.85
C CYS C 62 26.48 -52.96 13.94
N PHE C 63 25.20 -52.65 14.14
CA PHE C 63 24.81 -51.59 15.05
C PHE C 63 23.71 -52.07 15.99
N THR C 64 23.55 -51.35 17.10
CA THR C 64 22.49 -51.69 18.05
C THR C 64 21.12 -51.38 17.47
N ASN C 65 21.00 -50.32 16.68
CA ASN C 65 19.72 -49.94 16.10
C ASN C 65 19.93 -49.13 14.83
N VAL C 66 18.92 -49.17 13.96
CA VAL C 66 18.87 -48.37 12.74
C VAL C 66 17.48 -47.77 12.63
N TYR C 67 17.41 -46.51 12.21
CA TYR C 67 16.14 -45.82 12.00
C TYR C 67 15.98 -45.44 10.53
N ALA C 68 14.77 -45.53 10.03
CA ALA C 68 14.45 -45.20 8.64
C ALA C 68 13.43 -44.06 8.63
N ASP C 69 13.89 -42.86 8.32
CA ASP C 69 13.04 -41.68 8.27
C ASP C 69 12.64 -41.41 6.83
N SER C 70 11.34 -41.23 6.59
CA SER C 70 10.81 -41.04 5.24
C SER C 70 9.89 -39.83 5.20
N PHE C 71 9.94 -39.10 4.09
CA PHE C 71 9.12 -37.91 3.90
C PHE C 71 9.24 -37.49 2.44
N VAL C 72 8.60 -36.37 2.10
CA VAL C 72 8.59 -35.85 0.74
C VAL C 72 8.94 -34.36 0.80
N ILE C 73 9.86 -33.94 -0.06
CA ILE C 73 10.23 -32.54 -0.21
C ILE C 73 10.36 -32.24 -1.70
N ARG C 74 10.73 -31.00 -2.01
CA ARG C 74 11.00 -30.61 -3.38
C ARG C 74 12.44 -30.94 -3.74
N GLY C 75 12.73 -30.90 -5.04
CA GLY C 75 14.04 -31.32 -5.52
C GLY C 75 15.18 -30.49 -4.94
N ASP C 76 15.07 -29.16 -5.03
CA ASP C 76 16.14 -28.28 -4.59
C ASP C 76 16.27 -28.21 -3.08
N GLU C 77 15.45 -28.95 -2.33
CA GLU C 77 15.56 -29.02 -0.89
C GLU C 77 16.27 -30.27 -0.41
N VAL C 78 16.57 -31.22 -1.30
CA VAL C 78 17.28 -32.43 -0.90
C VAL C 78 18.64 -32.09 -0.32
N ARG C 79 19.26 -31.02 -0.80
CA ARG C 79 20.55 -30.60 -0.26
C ARG C 79 20.45 -30.18 1.21
N GLN C 80 19.27 -29.75 1.67
CA GLN C 80 19.10 -29.40 3.07
C GLN C 80 19.12 -30.62 3.98
N ILE C 81 18.91 -31.82 3.43
CA ILE C 81 18.95 -33.03 4.24
C ILE C 81 20.40 -33.47 4.37
N ALA C 82 21.17 -32.70 5.14
CA ALA C 82 22.59 -32.97 5.34
C ALA C 82 23.00 -32.36 6.66
N PRO C 83 24.07 -32.83 7.29
CA PRO C 83 24.52 -32.24 8.55
C PRO C 83 24.98 -30.80 8.35
N GLY C 84 24.51 -29.92 9.23
CA GLY C 84 24.95 -28.53 9.21
C GLY C 84 24.38 -27.70 8.08
N GLN C 85 23.14 -27.96 7.68
CA GLN C 85 22.47 -27.18 6.65
C GLN C 85 21.38 -26.31 7.27
N THR C 86 20.99 -25.27 6.54
CA THR C 86 19.96 -24.35 6.98
C THR C 86 18.97 -24.10 5.85
N GLY C 87 17.78 -23.66 6.24
CA GLY C 87 16.68 -23.46 5.30
C GLY C 87 15.36 -23.90 5.92
N LYS C 88 14.26 -23.73 5.20
CA LYS C 88 12.95 -24.03 5.76
C LYS C 88 12.86 -25.48 6.24
N ILE C 89 13.40 -26.42 5.46
CA ILE C 89 13.28 -27.82 5.81
C ILE C 89 14.23 -28.19 6.95
N ALA C 90 15.45 -27.66 6.91
CA ALA C 90 16.43 -28.01 7.93
C ALA C 90 16.10 -27.37 9.27
N ASP C 91 15.60 -26.14 9.25
CA ASP C 91 15.32 -25.42 10.48
C ASP C 91 13.97 -25.74 11.09
N TYR C 92 12.95 -26.00 10.26
CA TYR C 92 11.59 -26.13 10.75
C TYR C 92 10.93 -27.48 10.55
N ASN C 93 11.53 -28.39 9.76
CA ASN C 93 10.87 -29.64 9.41
C ASN C 93 11.68 -30.85 9.81
N TYR C 94 12.84 -31.08 9.21
CA TYR C 94 13.68 -32.24 9.52
C TYR C 94 15.11 -31.77 9.64
N LYS C 95 15.75 -32.04 10.78
CA LYS C 95 17.07 -31.53 11.09
C LYS C 95 18.01 -32.69 11.42
N LEU C 96 19.14 -32.75 10.73
CA LEU C 96 20.17 -33.76 10.97
C LEU C 96 21.24 -33.22 11.91
N PRO C 97 21.77 -34.06 12.81
CA PRO C 97 22.81 -33.59 13.72
C PRO C 97 24.13 -33.37 12.99
N ASP C 98 25.04 -32.67 13.66
CA ASP C 98 26.36 -32.44 13.09
C ASP C 98 27.18 -33.72 13.06
N ASP C 99 27.02 -34.59 14.05
CA ASP C 99 27.70 -35.88 14.08
C ASP C 99 26.86 -36.99 13.47
N PHE C 100 26.19 -36.71 12.36
CA PHE C 100 25.36 -37.71 11.72
C PHE C 100 26.20 -38.87 11.21
N THR C 101 25.77 -40.09 11.51
CA THR C 101 26.38 -41.32 11.00
C THR C 101 25.26 -42.09 10.31
N GLY C 102 25.10 -41.83 9.02
CA GLY C 102 24.03 -42.45 8.26
C GLY C 102 24.09 -42.01 6.82
N CYS C 103 23.05 -42.39 6.07
CA CYS C 103 23.00 -42.14 4.64
C CYS C 103 21.68 -41.47 4.28
N VAL C 104 21.76 -40.50 3.37
CA VAL C 104 20.58 -39.80 2.86
C VAL C 104 20.31 -40.29 1.45
N ILE C 105 19.12 -40.85 1.25
CA ILE C 105 18.72 -41.45 -0.02
C ILE C 105 17.47 -40.73 -0.51
N ALA C 106 17.43 -40.45 -1.82
CA ALA C 106 16.31 -39.71 -2.38
C ALA C 106 16.19 -40.02 -3.87
N TRP C 107 14.95 -39.96 -4.37
CA TRP C 107 14.67 -40.18 -5.78
C TRP C 107 13.49 -39.32 -6.19
N ASN C 108 13.39 -39.09 -7.50
CA ASN C 108 12.32 -38.26 -8.04
C ASN C 108 10.99 -39.01 -7.98
N SER C 109 9.97 -38.37 -7.40
CA SER C 109 8.66 -38.97 -7.21
C SER C 109 7.58 -38.25 -8.02
N ASN C 110 7.92 -37.78 -9.22
CA ASN C 110 6.96 -36.98 -9.97
C ASN C 110 5.80 -37.82 -10.49
N ASN C 111 6.06 -39.07 -10.87
CA ASN C 111 5.00 -39.90 -11.42
C ASN C 111 3.90 -40.21 -10.41
N LEU C 112 4.20 -40.10 -9.11
CA LEU C 112 3.25 -40.44 -8.07
C LEU C 112 2.61 -39.21 -7.42
N ASP C 113 3.44 -38.34 -6.84
CA ASP C 113 2.96 -37.23 -6.02
C ASP C 113 2.69 -35.98 -6.82
N SER C 114 2.15 -36.11 -8.03
CA SER C 114 1.75 -34.96 -8.84
C SER C 114 0.44 -35.29 -9.55
N LYS C 115 -0.56 -34.44 -9.38
CA LYS C 115 -1.87 -34.62 -9.97
C LYS C 115 -2.10 -33.62 -11.10
N VAL C 116 -3.11 -33.89 -11.92
CA VAL C 116 -3.41 -33.03 -13.05
C VAL C 116 -3.77 -31.63 -12.57
N GLY C 117 -4.57 -31.53 -11.51
CA GLY C 117 -4.89 -30.23 -10.96
C GLY C 117 -3.82 -29.68 -10.04
N GLY C 118 -3.07 -30.56 -9.38
CA GLY C 118 -2.02 -30.14 -8.47
C GLY C 118 -2.18 -30.71 -7.08
N ASN C 119 -1.30 -31.64 -6.71
CA ASN C 119 -1.37 -32.28 -5.39
C ASN C 119 -0.97 -31.25 -4.33
N TYR C 120 -1.94 -30.89 -3.49
CA TYR C 120 -1.71 -29.95 -2.39
C TYR C 120 -1.70 -30.66 -1.03
N ASN C 121 -1.51 -31.98 -1.01
CA ASN C 121 -1.60 -32.74 0.23
C ASN C 121 -0.27 -32.88 0.95
N TYR C 122 0.85 -32.59 0.29
CA TYR C 122 2.15 -32.59 0.94
C TYR C 122 2.47 -31.17 1.42
N LEU C 123 2.86 -31.05 2.68
CA LEU C 123 3.06 -29.73 3.27
C LEU C 123 4.38 -29.70 4.05
N TYR C 124 4.80 -28.49 4.39
CA TYR C 124 5.99 -28.24 5.19
C TYR C 124 5.69 -27.11 6.16
N ARG C 125 6.48 -27.04 7.23
CA ARG C 125 6.34 -25.96 8.19
C ARG C 125 7.06 -24.72 7.69
N LEU C 126 6.34 -23.60 7.62
CA LEU C 126 6.87 -22.32 7.17
C LEU C 126 7.29 -21.42 8.32
N PHE C 127 6.46 -21.31 9.35
CA PHE C 127 6.74 -20.46 10.51
C PHE C 127 6.98 -21.32 11.74
N ARG C 128 7.95 -20.90 12.56
CA ARG C 128 8.17 -21.55 13.83
C ARG C 128 8.91 -20.58 14.74
N LYS C 129 8.60 -20.64 16.04
CA LYS C 129 9.22 -19.71 16.98
C LYS C 129 10.69 -19.99 17.21
N SER C 130 11.17 -21.18 16.86
CA SER C 130 12.57 -21.53 17.05
C SER C 130 12.91 -22.68 16.11
N ASN C 131 14.21 -22.95 15.97
CA ASN C 131 14.66 -24.03 15.11
C ASN C 131 14.53 -25.37 15.82
N LEU C 132 14.35 -26.42 15.04
CA LEU C 132 14.26 -27.76 15.60
C LEU C 132 15.62 -28.26 16.05
N LYS C 133 15.63 -29.06 17.11
CA LYS C 133 16.80 -29.85 17.45
C LYS C 133 16.89 -31.02 16.48
N PRO C 134 18.09 -31.61 16.32
CA PRO C 134 18.22 -32.77 15.44
C PRO C 134 17.27 -33.89 15.83
N PHE C 135 16.65 -34.50 14.82
CA PHE C 135 15.71 -35.61 15.00
C PHE C 135 14.53 -35.20 15.90
N GLU C 136 13.92 -34.07 15.57
CA GLU C 136 12.77 -33.55 16.28
C GLU C 136 11.60 -33.42 15.32
N ARG C 137 10.42 -33.84 15.75
CA ARG C 137 9.22 -33.77 14.94
C ARG C 137 8.22 -32.81 15.58
N ASP C 138 7.69 -31.89 14.78
CA ASP C 138 6.67 -30.95 15.20
C ASP C 138 5.51 -31.07 14.21
N ILE C 139 4.36 -31.54 14.69
CA ILE C 139 3.18 -31.67 13.85
C ILE C 139 2.05 -30.76 14.34
N SER C 140 2.36 -29.77 15.17
CA SER C 140 1.35 -28.88 15.69
C SER C 140 0.80 -27.98 14.58
N THR C 141 -0.42 -27.48 14.80
CA THR C 141 -1.08 -26.61 13.84
C THR C 141 -1.60 -25.33 14.50
N GLU C 142 -0.89 -24.85 15.53
CA GLU C 142 -1.25 -23.59 16.15
C GLU C 142 -0.99 -22.43 15.20
N ILE C 143 -1.90 -21.45 15.21
CA ILE C 143 -1.70 -20.24 14.41
C ILE C 143 -0.47 -19.51 14.92
N TYR C 144 0.44 -19.19 14.01
CA TYR C 144 1.69 -18.53 14.37
C TYR C 144 1.44 -17.08 14.74
N GLN C 145 1.85 -16.70 15.95
CA GLN C 145 1.65 -15.34 16.47
C GLN C 145 2.87 -14.50 16.11
N ALA C 146 2.74 -13.68 15.07
CA ALA C 146 3.87 -12.86 14.62
C ALA C 146 4.04 -11.62 15.48
N GLY C 147 2.99 -11.14 16.13
CA GLY C 147 3.08 -9.97 16.97
C GLY C 147 2.73 -10.26 18.42
N SER C 148 2.46 -9.22 19.20
CA SER C 148 2.08 -9.36 20.60
C SER C 148 0.59 -9.66 20.78
N THR C 149 -0.18 -9.65 19.72
CA THR C 149 -1.62 -9.87 19.85
C THR C 149 -1.93 -11.36 19.72
N PRO C 150 -2.65 -11.94 20.68
CA PRO C 150 -3.04 -13.35 20.55
C PRO C 150 -4.01 -13.54 19.39
N CYS C 151 -3.88 -14.67 18.71
CA CYS C 151 -4.72 -14.95 17.56
C CYS C 151 -6.03 -15.61 17.94
N ASN C 152 -6.04 -16.41 19.01
CA ASN C 152 -7.22 -17.15 19.44
C ASN C 152 -7.83 -17.95 18.29
N GLY C 153 -6.96 -18.64 17.54
CA GLY C 153 -7.39 -19.52 16.48
C GLY C 153 -7.79 -18.85 15.18
N VAL C 154 -7.67 -17.54 15.08
CA VAL C 154 -8.07 -16.80 13.90
C VAL C 154 -6.84 -16.40 13.12
N GLU C 155 -6.87 -16.61 11.80
CA GLU C 155 -5.82 -16.14 10.91
C GLU C 155 -6.10 -14.70 10.51
N GLY C 156 -5.01 -13.95 10.29
CA GLY C 156 -5.14 -12.57 9.87
C GLY C 156 -3.81 -11.84 9.94
N PHE C 157 -3.89 -10.56 10.23
CA PHE C 157 -2.69 -9.74 10.40
C PHE C 157 -1.85 -10.27 11.55
N ASN C 158 -0.58 -10.57 11.26
CA ASN C 158 0.36 -11.12 12.24
C ASN C 158 -0.08 -12.47 12.81
N CYS C 159 -0.99 -13.17 12.13
CA CYS C 159 -1.50 -14.46 12.61
C CYS C 159 -1.61 -15.40 11.41
N TYR C 160 -0.64 -16.30 11.27
CA TYR C 160 -0.50 -17.11 10.06
C TYR C 160 -0.55 -18.60 10.39
N PHE C 161 -1.21 -19.36 9.51
CA PHE C 161 -1.18 -20.81 9.64
C PHE C 161 0.24 -21.29 9.38
N PRO C 162 0.80 -22.14 10.25
CA PRO C 162 2.25 -22.40 10.19
C PRO C 162 2.67 -23.32 9.05
N LEU C 163 1.73 -24.04 8.45
CA LEU C 163 2.06 -24.98 7.38
C LEU C 163 1.72 -24.38 6.02
N GLN C 164 2.48 -24.80 5.01
CA GLN C 164 2.26 -24.38 3.64
C GLN C 164 2.34 -25.61 2.73
N SER C 165 1.53 -25.59 1.67
CA SER C 165 1.44 -26.72 0.76
C SER C 165 2.45 -26.60 -0.36
N TYR C 166 3.00 -27.74 -0.78
CA TYR C 166 3.82 -27.82 -1.98
C TYR C 166 2.91 -27.80 -3.20
N GLY C 167 3.26 -26.99 -4.19
CA GLY C 167 2.52 -26.98 -5.43
C GLY C 167 3.04 -28.00 -6.42
N PHE C 168 2.82 -29.28 -6.11
CA PHE C 168 3.37 -30.37 -6.93
C PHE C 168 2.50 -30.57 -8.17
N GLN C 169 3.03 -30.16 -9.33
CA GLN C 169 2.36 -30.31 -10.60
C GLN C 169 3.29 -30.98 -11.61
N PRO C 170 2.73 -31.67 -12.60
CA PRO C 170 3.60 -32.34 -13.59
C PRO C 170 4.38 -31.38 -14.46
N THR C 171 3.91 -30.13 -14.62
CA THR C 171 4.59 -29.16 -15.47
C THR C 171 5.74 -28.46 -14.75
N ASN C 172 6.12 -28.89 -13.56
CA ASN C 172 7.17 -28.25 -12.80
C ASN C 172 8.55 -28.71 -13.28
N GLY C 173 9.56 -27.91 -12.95
CA GLY C 173 10.94 -28.28 -13.23
C GLY C 173 11.53 -29.17 -12.14
N VAL C 174 12.69 -29.75 -12.46
CA VAL C 174 13.32 -30.76 -11.60
C VAL C 174 13.46 -30.27 -10.17
N GLY C 175 13.76 -28.98 -9.98
CA GLY C 175 13.83 -28.44 -8.63
C GLY C 175 12.48 -28.40 -7.95
N TYR C 176 11.42 -28.05 -8.69
CA TYR C 176 10.10 -27.86 -8.12
C TYR C 176 9.23 -29.11 -8.20
N GLN C 177 9.86 -30.31 -8.34
CA GLN C 177 9.27 -31.63 -8.43
C GLN C 177 9.40 -32.38 -7.10
N PRO C 178 8.48 -33.28 -6.76
CA PRO C 178 8.60 -33.99 -5.49
C PRO C 178 9.71 -35.01 -5.50
N TYR C 179 10.35 -35.18 -4.36
CA TYR C 179 11.43 -36.15 -4.18
C TYR C 179 11.22 -36.89 -2.88
N ARG C 180 11.03 -38.21 -2.95
CA ARG C 180 10.89 -39.02 -1.75
C ARG C 180 12.26 -39.27 -1.14
N VAL C 181 12.34 -39.13 0.18
CA VAL C 181 13.61 -39.20 0.90
C VAL C 181 13.53 -40.30 1.94
N VAL C 182 14.61 -41.07 2.05
CA VAL C 182 14.78 -42.05 3.12
C VAL C 182 16.14 -41.81 3.76
N VAL C 183 16.15 -41.62 5.08
CA VAL C 183 17.35 -41.27 5.82
C VAL C 183 17.60 -42.39 6.83
N LEU C 184 18.68 -43.14 6.64
CA LEU C 184 19.06 -44.19 7.57
C LEU C 184 20.09 -43.67 8.56
N SER C 185 19.90 -44.00 9.83
CA SER C 185 20.82 -43.59 10.88
C SER C 185 21.23 -44.81 11.68
N PHE C 186 22.52 -44.93 11.96
CA PHE C 186 23.10 -46.10 12.61
C PHE C 186 23.64 -45.69 13.97
N GLU C 187 23.23 -46.42 15.01
CA GLU C 187 23.65 -46.12 16.37
C GLU C 187 24.20 -47.39 17.03
N LEU C 188 25.22 -47.22 17.86
CA LEU C 188 25.81 -48.31 18.63
C LEU C 188 25.99 -47.84 20.06
N LEU C 189 25.39 -48.58 21.00
CA LEU C 189 25.46 -48.22 22.41
C LEU C 189 26.02 -49.42 23.17
N HIS C 190 25.78 -49.46 24.49
CA HIS C 190 26.23 -50.58 25.30
C HIS C 190 25.49 -51.86 24.98
N ALA C 191 24.28 -51.77 24.42
CA ALA C 191 23.51 -52.93 24.05
C ALA C 191 24.17 -53.65 22.86
N PRO C 192 23.91 -54.95 22.71
CA PRO C 192 24.56 -55.70 21.63
C PRO C 192 24.12 -55.23 20.25
N ALA C 193 25.06 -55.28 19.31
CA ALA C 193 24.77 -54.97 17.92
C ALA C 193 23.70 -55.92 17.40
N THR C 194 22.92 -55.44 16.43
CA THR C 194 21.62 -56.04 16.16
C THR C 194 21.26 -56.04 14.69
N VAL C 195 21.36 -54.89 14.03
CA VAL C 195 21.11 -54.77 12.61
C VAL C 195 22.44 -54.88 11.88
N CYS C 196 22.50 -55.75 10.87
CA CYS C 196 23.77 -56.18 10.30
C CYS C 196 23.71 -56.27 8.77
N GLY C 197 24.89 -56.27 8.17
CA GLY C 197 25.08 -56.66 6.78
C GLY C 197 25.49 -58.11 6.72
N PRO C 198 25.54 -58.66 5.50
CA PRO C 198 25.87 -60.09 5.36
C PRO C 198 27.25 -60.47 5.85
N LYS C 199 28.22 -59.55 5.84
CA LYS C 199 29.59 -59.92 6.20
C LYS C 199 29.74 -60.22 7.68
N LYS C 200 29.00 -59.52 8.54
CA LYS C 200 28.99 -59.82 9.97
C LYS C 200 27.56 -59.92 10.46
C1 GOL D . 5.30 12.25 -4.84
O1 GOL D . 6.01 11.61 -3.82
C2 GOL D . 3.82 12.36 -4.39
O2 GOL D . 3.01 12.90 -5.38
C3 GOL D . 3.41 10.92 -4.01
O3 GOL D . 3.86 10.71 -2.72
C1 GOL E . 9.06 1.78 15.03
O1 GOL E . 9.18 3.03 15.64
C2 GOL E . 9.27 0.72 16.14
O2 GOL E . 8.72 1.10 17.36
C3 GOL E . 10.79 0.49 16.21
O3 GOL E . 11.03 -0.41 17.25
C1 GOL F . -18.99 25.62 -25.29
O1 GOL F . -19.07 26.83 -25.98
C2 GOL F . -19.04 24.50 -26.35
O2 GOL F . -19.96 23.51 -26.01
C3 GOL F . -17.60 23.95 -26.41
O3 GOL F . -17.21 23.68 -25.09
C1 GOL G . -2.95 27.51 0.72
O1 GOL G . -3.11 26.93 1.98
C2 GOL G . -3.55 28.93 0.82
O2 GOL G . -3.73 29.50 -0.44
C3 GOL G . -2.56 29.72 1.69
O3 GOL G . -3.08 31.01 1.81
C1 NAG H . 11.05 -51.85 -4.57
C2 NAG H . 11.67 -53.20 -4.21
C3 NAG H . 12.75 -53.56 -5.23
C4 NAG H . 12.20 -53.51 -6.64
C5 NAG H . 11.56 -52.15 -6.91
C6 NAG H . 10.88 -52.07 -8.26
C7 NAG H . 13.20 -52.47 -2.41
C8 NAG H . 13.60 -52.66 -0.98
N2 NAG H . 12.20 -53.23 -2.85
O3 NAG H . 13.25 -54.87 -4.94
O4 NAG H . 13.25 -53.73 -7.57
O5 NAG H . 10.56 -51.87 -5.91
O6 NAG H . 10.39 -50.77 -8.52
O7 NAG H . 13.76 -51.64 -3.13
C1 GOL I . 23.44 -33.29 0.41
O1 GOL I . 23.53 -32.57 -0.78
C2 GOL I . 22.11 -34.08 0.37
O2 GOL I . 21.66 -34.26 -0.93
C3 GOL I . 22.42 -35.43 1.06
O3 GOL I . 23.07 -35.12 2.25
C1 GOL J . 12.54 -46.38 -4.89
O1 GOL J . 12.68 -47.30 -3.85
C2 GOL J . 11.97 -47.16 -6.09
O2 GOL J . 10.90 -47.97 -5.72
C3 GOL J . 11.54 -46.07 -7.10
O3 GOL J . 12.69 -45.70 -7.80
#